data_8EFE
#
_entry.id   8EFE
#
_cell.length_a   1.00
_cell.length_b   1.00
_cell.length_c   1.00
_cell.angle_alpha   90.00
_cell.angle_beta   90.00
_cell.angle_gamma   90.00
#
_symmetry.space_group_name_H-M   'P 1'
#
loop_
_entity.id
_entity.type
_entity.pdbx_description
1 polymer 'Beta-cardiac myosin II'
2 polymer 'Myosin light chain 1/3, skeletal muscle isoform'
3 non-polymer 'MAGNESIUM ION'
4 non-polymer "ADENOSINE-5'-DIPHOSPHATE"
#
loop_
_entity_poly.entity_id
_entity_poly.type
_entity_poly.pdbx_seq_one_letter_code
_entity_poly.pdbx_strand_id
1 'polypeptide(L)'
;MGDSEMAVFGAAAPYLRKSEKERLEAQTRPFDLKKDVFVPDDKQEFVKAKIVSREGGKVTAETEYGKTVTVKEDQVMQQN
PPKFDKIEDMAMLTFLHEPAVLYNLKDRYGSWMIYTYSGLFCVTVNPYKWLPVYTPEVVAAYRGKKRSEAPPHIFSISDN
AYQYMLTDRENQSILITGESGAGKTVNTKRVIQYFAVIAAIGDRSKKDQSPGKGTLEDQIIQANPALEAFGNAKTVRNDN
SSRFGKFIRIHFGATGKLASADIETYLLEKSRVIFQLKAERDYHIFYQILSNKKPELLDMLLITNNPYDYAFISQGETTV
ASIDDAEELMATDNAFDVLGFTSEEKNSMYKLTGAIMHFGNMKFKLKQREEQAEPDGTEEADKSAYLMGLNSADLLKGLC
HPRVKVGNEYVTKGQNVQQVIYATGALAKAVYERMFNWMVTRINATLETKQPRQYFIGVLDIAGFEIFDFNSFEQLCINF
TNEKLQQFFNHHMFVLEQEEYKKEGIEWTFIDFGMDLQACIDLIEKPMGIMSILEEECMFPKATDMTFKAKLFDNHLGKS
ANFQKPRNIKGKPEAHFSLIHYAGIVDYNIIGWLQKNKDPLNETVVGLYQKSSLKLLSTLFANYAGADAPIEKGKGKAKK
GSSFQTVSALHRENLNKLMTNLRSTHPHFVRCIIPNETKSPGVMDNPLVMHQLRCNGVLEGIRICRKGFPNRILYGDFRQ
RYRILNPAAIPEGQFIDSRKGAEKLLSSLDIDHNQYKFGHTKVFFKAGLLGLLEEMRDERLSRIITRIQAQSRGVLARME
YKKLLERRDSLLVIQWNIRAFMGVKNWPWMKLYFKIKPLLKSGLNDIFEAQKIEWHEDYKDDDDK
;
A
2 'polypeptide(L)'
;MAPKKDVKKPAAAPAPAPAPAPAPAKPKEEKIDLSAIKIEFSKEQQEDFKEAFLLFDRTGECKITLSQVGDVLRALGTNP
TNAEVKKVLGNPSNEEMNAKKIEFEQFLPMMQAISNNKDQGGYEDFVEGLRVFDKEGNGTVMGAELRHVLATLGEKMKEE
EVEALLAGQEDSNGCINYEAFVKHIMSV
;
B
#
loop_
_chem_comp.id
_chem_comp.type
_chem_comp.name
_chem_comp.formula
ADP non-polymer ADENOSINE-5'-DIPHOSPHATE 'C10 H15 N5 O10 P2'
MG non-polymer 'MAGNESIUM ION' 'Mg 2'
#
# COMPACT_ATOMS: atom_id res chain seq x y z
N GLU A 5 -7.62 15.37 -21.27
CA GLU A 5 -8.43 16.47 -20.79
C GLU A 5 -8.49 16.47 -19.26
N MET A 6 -8.79 15.30 -18.69
CA MET A 6 -8.81 15.12 -17.24
C MET A 6 -9.89 15.98 -16.58
N ALA A 7 -10.68 16.69 -17.38
CA ALA A 7 -11.62 17.67 -16.86
C ALA A 7 -13.02 17.09 -16.63
N VAL A 8 -13.21 15.80 -16.88
CA VAL A 8 -14.52 15.19 -16.64
C VAL A 8 -14.90 15.29 -15.17
N PHE A 9 -13.95 15.00 -14.28
CA PHE A 9 -14.25 15.04 -12.85
C PHE A 9 -14.61 16.45 -12.40
N GLY A 10 -13.84 17.45 -12.85
CA GLY A 10 -14.14 18.83 -12.51
C GLY A 10 -13.57 19.24 -11.17
N ALA A 11 -14.44 19.29 -10.15
CA ALA A 11 -14.00 19.75 -8.83
C ALA A 11 -12.92 18.84 -8.27
N ALA A 12 -13.08 17.53 -8.42
CA ALA A 12 -12.11 16.58 -7.90
C ALA A 12 -10.94 16.34 -8.85
N ALA A 13 -10.99 16.86 -10.07
CA ALA A 13 -9.93 16.60 -11.04
C ALA A 13 -8.56 17.00 -10.51
N PRO A 14 -8.37 18.18 -9.91
CA PRO A 14 -7.04 18.50 -9.36
C PRO A 14 -6.59 17.51 -8.31
N TYR A 15 -7.50 17.02 -7.47
CA TYR A 15 -7.13 16.06 -6.44
C TYR A 15 -6.80 14.71 -7.05
N LEU A 16 -7.57 14.27 -8.05
CA LEU A 16 -7.35 12.95 -8.62
C LEU A 16 -6.08 12.91 -9.46
N ARG A 17 -5.80 13.96 -10.22
CA ARG A 17 -4.60 14.00 -11.04
C ARG A 17 -4.23 15.45 -11.31
N LYS A 18 -2.93 15.74 -11.28
CA LYS A 18 -2.44 17.09 -11.52
C LYS A 18 -2.47 17.40 -13.03
N SER A 19 -2.40 18.69 -13.34
CA SER A 19 -2.45 19.13 -14.72
C SER A 19 -1.05 19.06 -15.35
N GLU A 20 -1.02 19.34 -16.66
CA GLU A 20 0.22 19.15 -17.42
C GLU A 20 1.29 20.15 -17.00
N LYS A 21 0.92 21.40 -16.75
CA LYS A 21 1.92 22.43 -16.49
C LYS A 21 2.71 22.15 -15.22
N GLU A 22 2.04 21.65 -14.17
CA GLU A 22 2.75 21.30 -12.95
C GLU A 22 3.75 20.18 -13.23
N ARG A 23 3.35 19.18 -14.00
CA ARG A 23 4.26 18.10 -14.35
C ARG A 23 5.47 18.64 -15.11
N LEU A 24 5.23 19.54 -16.07
CA LEU A 24 6.32 20.10 -16.85
C LEU A 24 7.29 20.87 -15.96
N GLU A 25 6.77 21.75 -15.11
CA GLU A 25 7.65 22.56 -14.27
C GLU A 25 8.42 21.69 -13.29
N ALA A 26 7.78 20.67 -12.72
CA ALA A 26 8.49 19.77 -11.81
C ALA A 26 9.54 18.95 -12.55
N GLN A 27 9.26 18.59 -13.81
CA GLN A 27 10.21 17.78 -14.57
C GLN A 27 11.53 18.50 -14.75
N THR A 28 11.48 19.80 -15.06
CA THR A 28 12.68 20.60 -15.25
C THR A 28 13.33 21.02 -13.94
N ARG A 29 12.90 20.45 -12.82
CA ARG A 29 13.49 20.75 -11.52
C ARG A 29 14.99 20.46 -11.59
N PRO A 30 15.86 21.49 -11.55
CA PRO A 30 17.29 21.26 -11.78
C PRO A 30 17.97 20.66 -10.56
N PHE A 31 18.34 19.40 -10.66
CA PHE A 31 19.08 18.70 -9.62
C PHE A 31 20.07 17.75 -10.27
N ASP A 32 21.26 17.63 -9.67
CA ASP A 32 22.31 16.75 -10.16
C ASP A 32 22.30 15.48 -9.34
N LEU A 33 22.07 14.34 -10.01
CA LEU A 33 21.99 13.06 -9.30
C LEU A 33 23.29 12.72 -8.60
N LYS A 34 24.40 13.31 -9.01
CA LYS A 34 25.70 12.98 -8.42
C LYS A 34 25.95 13.68 -7.09
N LYS A 35 25.11 14.62 -6.69
CA LYS A 35 25.34 15.39 -5.48
C LYS A 35 24.20 15.34 -4.48
N ASP A 36 23.02 14.86 -4.86
CA ASP A 36 21.87 14.77 -3.96
C ASP A 36 21.58 13.31 -3.67
N VAL A 37 21.54 12.96 -2.39
CA VAL A 37 21.32 11.59 -1.94
C VAL A 37 20.44 11.62 -0.70
N PHE A 38 20.18 10.43 -0.15
CA PHE A 38 19.46 10.27 1.10
C PHE A 38 20.46 9.90 2.19
N VAL A 39 20.42 10.65 3.30
CA VAL A 39 21.32 10.44 4.42
C VAL A 39 20.49 10.08 5.64
N PRO A 40 20.95 9.16 6.49
CA PRO A 40 20.25 8.93 7.76
C PRO A 40 20.34 10.14 8.67
N ASP A 41 19.32 10.30 9.50
CA ASP A 41 19.20 11.42 10.43
C ASP A 41 19.17 10.87 11.86
N ASP A 42 18.90 11.75 12.82
CA ASP A 42 18.86 11.38 14.23
C ASP A 42 17.46 11.10 14.74
N LYS A 43 16.50 11.99 14.48
CA LYS A 43 15.13 11.84 14.97
C LYS A 43 14.17 11.33 13.90
N GLN A 44 14.42 11.66 12.63
CA GLN A 44 13.70 11.04 11.52
C GLN A 44 14.44 9.86 10.91
N GLU A 45 15.75 9.79 11.10
CA GLU A 45 16.60 8.68 10.70
C GLU A 45 16.57 8.41 9.20
N PHE A 46 15.82 9.20 8.43
CA PHE A 46 15.84 9.18 6.96
C PHE A 46 15.54 10.61 6.50
N VAL A 47 16.51 11.24 5.85
CA VAL A 47 16.31 12.56 5.28
C VAL A 47 17.03 12.64 3.93
N LYS A 48 16.75 13.70 3.19
CA LYS A 48 17.45 13.99 1.96
C LYS A 48 18.48 15.10 2.19
N ALA A 49 19.58 15.02 1.44
CA ALA A 49 20.63 16.03 1.56
C ALA A 49 21.40 16.08 0.26
N LYS A 50 22.25 17.11 0.15
CA LYS A 50 23.16 17.25 -0.97
C LYS A 50 24.59 17.35 -0.44
N ILE A 51 25.50 16.58 -1.05
CA ILE A 51 26.86 16.50 -0.54
C ILE A 51 27.55 17.82 -0.80
N VAL A 52 28.05 18.45 0.27
CA VAL A 52 28.84 19.66 0.12
C VAL A 52 30.19 19.33 -0.54
N SER A 53 30.84 18.27 -0.05
CA SER A 53 32.10 17.81 -0.63
C SER A 53 32.34 16.39 -0.17
N ARG A 54 33.15 15.67 -0.94
CA ARG A 54 33.52 14.29 -0.64
C ARG A 54 34.93 14.27 -0.06
N GLU A 55 35.08 13.63 1.09
CA GLU A 55 36.34 13.59 1.82
C GLU A 55 36.76 12.15 2.11
N GLY A 56 36.58 11.28 1.12
CA GLY A 56 36.97 9.88 1.28
C GLY A 56 35.85 9.08 1.91
N GLY A 57 36.19 8.31 2.95
CA GLY A 57 35.19 7.49 3.61
C GLY A 57 34.05 8.30 4.18
N LYS A 58 34.36 9.44 4.79
CA LYS A 58 33.35 10.32 5.36
C LYS A 58 33.00 11.41 4.37
N VAL A 59 31.71 11.68 4.23
CA VAL A 59 31.18 12.70 3.33
C VAL A 59 30.29 13.64 4.14
N THR A 60 30.43 14.93 3.89
CA THR A 60 29.65 15.96 4.56
C THR A 60 28.53 16.40 3.62
N ALA A 61 27.31 16.44 4.13
CA ALA A 61 26.15 16.81 3.33
C ALA A 61 25.32 17.85 4.07
N GLU A 62 24.68 18.73 3.30
CA GLU A 62 23.77 19.74 3.81
C GLU A 62 22.35 19.27 3.54
N THR A 63 21.53 19.24 4.59
CA THR A 63 20.16 18.76 4.48
C THR A 63 19.21 19.92 4.25
N GLU A 64 17.96 19.58 3.90
CA GLU A 64 16.96 20.60 3.62
C GLU A 64 16.66 21.41 4.87
N TYR A 65 16.52 20.76 6.01
CA TYR A 65 16.24 21.49 7.26
C TYR A 65 17.40 22.39 7.64
N GLY A 66 18.63 21.99 7.31
CA GLY A 66 19.80 22.77 7.62
C GLY A 66 20.65 22.15 8.71
N LYS A 67 21.69 21.42 8.31
CA LYS A 67 22.61 20.81 9.26
C LYS A 67 23.94 20.57 8.55
N THR A 68 24.99 20.43 9.34
CA THR A 68 26.35 20.25 8.82
C THR A 68 26.96 18.95 9.32
N VAL A 69 26.13 17.91 9.45
CA VAL A 69 26.62 16.62 9.90
C VAL A 69 27.23 15.85 8.74
N THR A 70 28.10 14.90 9.07
CA THR A 70 28.78 14.07 8.09
C THR A 70 28.56 12.61 8.43
N VAL A 71 28.58 11.77 7.39
CA VAL A 71 28.33 10.34 7.55
C VAL A 71 29.28 9.56 6.64
N LYS A 72 29.48 8.29 6.98
CA LYS A 72 30.27 7.42 6.12
C LYS A 72 29.58 7.27 4.77
N GLU A 73 30.38 7.25 3.70
CA GLU A 73 29.83 7.23 2.35
C GLU A 73 29.05 5.96 2.04
N ASP A 74 29.20 4.92 2.85
CA ASP A 74 28.49 3.66 2.60
C ASP A 74 27.02 3.73 3.00
N GLN A 75 26.63 4.72 3.80
CA GLN A 75 25.27 4.82 4.32
C GLN A 75 24.37 5.71 3.46
N VAL A 76 24.85 6.22 2.34
CA VAL A 76 24.08 7.08 1.45
C VAL A 76 23.75 6.32 0.19
N MET A 77 22.47 6.34 -0.19
CA MET A 77 21.98 5.65 -1.38
C MET A 77 21.59 6.67 -2.44
N GLN A 78 21.44 6.18 -3.66
CA GLN A 78 21.10 7.05 -4.79
C GLN A 78 19.71 7.64 -4.60
N GLN A 79 19.48 8.78 -5.24
CA GLN A 79 18.24 9.51 -5.16
C GLN A 79 17.54 9.49 -6.51
N ASN A 80 16.21 9.39 -6.49
CA ASN A 80 15.46 9.31 -7.73
C ASN A 80 15.64 10.61 -8.53
N PRO A 81 15.76 10.53 -9.86
CA PRO A 81 15.94 11.75 -10.64
C PRO A 81 14.71 12.63 -10.54
N PRO A 82 14.89 13.95 -10.61
CA PRO A 82 13.71 14.84 -10.61
C PRO A 82 12.79 14.64 -11.79
N LYS A 83 13.31 14.13 -12.91
CA LYS A 83 12.48 13.91 -14.10
C LYS A 83 11.48 12.79 -13.93
N PHE A 84 11.57 12.01 -12.84
CA PHE A 84 10.74 10.82 -12.69
C PHE A 84 9.95 10.83 -11.39
N ASP A 85 10.04 11.89 -10.59
CA ASP A 85 9.35 11.93 -9.31
C ASP A 85 7.87 12.18 -9.51
N LYS A 86 7.12 12.04 -8.41
CA LYS A 86 5.67 12.24 -8.42
C LYS A 86 4.99 11.33 -9.44
N ILE A 87 5.45 10.09 -9.51
CA ILE A 87 4.85 9.12 -10.42
C ILE A 87 3.57 8.57 -9.81
N GLU A 88 2.54 8.41 -10.64
CA GLU A 88 1.26 7.90 -10.16
C GLU A 88 1.41 6.48 -9.62
N ASP A 89 2.14 5.64 -10.35
CA ASP A 89 2.41 4.26 -9.92
C ASP A 89 3.92 4.12 -9.75
N MET A 90 4.34 3.69 -8.55
CA MET A 90 5.75 3.55 -8.23
C MET A 90 6.28 2.15 -8.45
N ALA A 91 5.52 1.29 -9.14
CA ALA A 91 5.99 -0.07 -9.40
C ALA A 91 7.28 -0.07 -10.21
N MET A 92 7.37 0.80 -11.21
CA MET A 92 8.53 0.87 -12.09
C MET A 92 9.52 1.94 -11.65
N LEU A 93 9.63 2.18 -10.34
CA LEU A 93 10.58 3.16 -9.83
C LEU A 93 11.99 2.83 -10.31
N THR A 94 12.69 3.84 -10.82
CA THR A 94 14.03 3.61 -11.36
C THR A 94 15.00 3.14 -10.28
N PHE A 95 14.88 3.68 -9.07
CA PHE A 95 15.75 3.31 -7.95
C PHE A 95 14.87 3.00 -6.75
N LEU A 96 14.64 1.71 -6.52
CA LEU A 96 13.81 1.28 -5.40
C LEU A 96 14.63 1.34 -4.12
N HIS A 97 14.14 2.11 -3.13
CA HIS A 97 14.82 2.25 -1.86
C HIS A 97 13.77 2.42 -0.77
N GLU A 98 14.14 2.03 0.45
CA GLU A 98 13.20 2.12 1.55
C GLU A 98 12.75 3.55 1.81
N PRO A 99 13.64 4.55 1.87
CA PRO A 99 13.18 5.94 2.06
C PRO A 99 12.64 6.59 0.80
N ALA A 100 12.93 6.03 -0.38
CA ALA A 100 12.40 6.62 -1.61
C ALA A 100 10.87 6.56 -1.63
N VAL A 101 10.31 5.44 -1.18
CA VAL A 101 8.86 5.31 -1.14
C VAL A 101 8.27 6.36 -0.19
N LEU A 102 8.89 6.53 0.98
CA LEU A 102 8.41 7.54 1.93
C LEU A 102 8.46 8.92 1.30
N TYR A 103 9.57 9.24 0.63
CA TYR A 103 9.71 10.56 0.02
C TYR A 103 8.64 10.78 -1.03
N ASN A 104 8.40 9.79 -1.89
CA ASN A 104 7.37 9.94 -2.91
C ASN A 104 5.99 10.10 -2.29
N LEU A 105 5.67 9.30 -1.27
CA LEU A 105 4.37 9.41 -0.63
C LEU A 105 4.18 10.78 0.00
N LYS A 106 5.20 11.30 0.69
CA LYS A 106 5.05 12.60 1.33
C LYS A 106 4.98 13.72 0.30
N ASP A 107 5.74 13.61 -0.80
CA ASP A 107 5.65 14.61 -1.85
C ASP A 107 4.26 14.63 -2.47
N ARG A 108 3.68 13.45 -2.71
CA ARG A 108 2.32 13.41 -3.25
C ARG A 108 1.32 13.98 -2.25
N TYR A 109 1.38 13.54 -0.99
CA TYR A 109 0.43 14.00 0.01
C TYR A 109 0.54 15.51 0.20
N GLY A 110 1.73 16.07 -0.02
CA GLY A 110 1.88 17.52 0.04
C GLY A 110 1.07 18.23 -1.03
N SER A 111 1.07 17.69 -2.25
CA SER A 111 0.16 18.14 -3.29
C SER A 111 -1.27 17.64 -3.06
N TRP A 112 -1.54 17.15 -1.86
CA TRP A 112 -2.86 16.67 -1.47
C TRP A 112 -3.30 15.54 -2.39
N MET A 113 -2.40 14.57 -2.56
CA MET A 113 -2.64 13.39 -3.37
C MET A 113 -2.75 12.20 -2.45
N ILE A 114 -3.83 11.43 -2.59
CA ILE A 114 -4.13 10.38 -1.62
C ILE A 114 -3.82 9.01 -2.19
N TYR A 115 -4.50 8.64 -3.28
CA TYR A 115 -4.37 7.29 -3.81
C TYR A 115 -3.13 7.16 -4.68
N THR A 116 -2.42 6.03 -4.51
CA THR A 116 -1.20 5.75 -5.23
C THR A 116 -1.09 4.25 -5.48
N TYR A 117 -0.64 3.89 -6.68
CA TYR A 117 -0.48 2.49 -7.05
C TYR A 117 0.94 2.02 -6.74
N SER A 118 1.06 0.78 -6.31
CA SER A 118 2.34 0.13 -6.03
C SER A 118 2.35 -1.27 -6.62
N GLY A 119 1.93 -1.37 -7.86
CA GLY A 119 1.85 -2.67 -8.54
C GLY A 119 0.46 -3.28 -8.36
N LEU A 120 0.41 -4.43 -7.68
CA LEU A 120 -0.87 -5.06 -7.38
C LEU A 120 -1.57 -4.43 -6.18
N PHE A 121 -0.86 -3.63 -5.40
CA PHE A 121 -1.44 -2.96 -4.25
C PHE A 121 -2.13 -1.67 -4.67
N CYS A 122 -2.72 -0.99 -3.69
CA CYS A 122 -3.30 0.34 -3.91
C CYS A 122 -3.14 1.10 -2.59
N VAL A 123 -2.07 1.87 -2.49
CA VAL A 123 -1.71 2.55 -1.25
C VAL A 123 -2.50 3.84 -1.14
N THR A 124 -3.17 4.04 -0.01
CA THR A 124 -3.95 5.24 0.26
C THR A 124 -3.60 5.77 1.65
N VAL A 125 -3.52 7.09 1.75
CA VAL A 125 -3.20 7.76 3.01
C VAL A 125 -4.48 8.40 3.55
N ASN A 126 -4.50 8.63 4.86
CA ASN A 126 -5.70 9.11 5.53
C ASN A 126 -5.60 10.61 5.78
N PRO A 127 -6.36 11.44 5.09
CA PRO A 127 -6.49 12.84 5.48
C PRO A 127 -7.64 13.04 6.46
N TYR A 128 -7.72 14.26 6.99
CA TYR A 128 -8.76 14.63 7.95
C TYR A 128 -9.46 15.87 7.40
N LYS A 129 -10.37 15.65 6.45
CA LYS A 129 -11.26 16.69 5.92
C LYS A 129 -12.10 16.04 4.82
N TRP A 130 -13.22 16.69 4.50
CA TRP A 130 -14.04 16.24 3.39
C TRP A 130 -13.33 16.50 2.08
N LEU A 131 -13.52 15.60 1.13
CA LEU A 131 -12.94 15.73 -0.20
C LEU A 131 -14.04 15.54 -1.25
N PRO A 132 -13.87 16.13 -2.43
CA PRO A 132 -14.87 15.99 -3.49
C PRO A 132 -14.67 14.80 -4.41
N VAL A 133 -13.65 13.96 -4.17
CA VAL A 133 -13.37 12.84 -5.06
C VAL A 133 -14.51 11.82 -5.08
N TYR A 134 -15.32 11.77 -4.03
CA TYR A 134 -16.43 10.83 -3.94
C TYR A 134 -17.70 11.35 -4.59
N THR A 135 -17.59 12.33 -5.47
CA THR A 135 -18.76 12.86 -6.16
C THR A 135 -19.36 11.78 -7.07
N PRO A 136 -20.68 11.64 -7.12
CA PRO A 136 -21.27 10.62 -7.99
C PRO A 136 -20.85 10.77 -9.45
N GLU A 137 -20.61 11.99 -9.90
CA GLU A 137 -20.06 12.18 -11.25
C GLU A 137 -18.73 11.44 -11.40
N VAL A 138 -17.89 11.49 -10.37
CA VAL A 138 -16.63 10.75 -10.39
C VAL A 138 -16.91 9.25 -10.49
N VAL A 139 -17.90 8.76 -9.75
CA VAL A 139 -18.25 7.35 -9.80
C VAL A 139 -18.64 6.96 -11.21
N ALA A 140 -19.47 7.78 -11.86
CA ALA A 140 -19.85 7.51 -13.24
C ALA A 140 -18.64 7.54 -14.17
N ALA A 141 -17.73 8.49 -13.95
CA ALA A 141 -16.55 8.58 -14.80
C ALA A 141 -15.70 7.32 -14.70
N TYR A 142 -15.48 6.83 -13.48
CA TYR A 142 -14.71 5.60 -13.29
C TYR A 142 -15.43 4.35 -13.76
N ARG A 143 -16.74 4.42 -14.05
CA ARG A 143 -17.46 3.24 -14.50
C ARG A 143 -16.86 2.75 -15.81
N GLY A 144 -16.28 1.55 -15.78
CA GLY A 144 -15.64 0.98 -16.95
C GLY A 144 -14.21 1.41 -17.18
N LYS A 145 -13.59 2.11 -16.22
CA LYS A 145 -12.22 2.56 -16.36
C LYS A 145 -11.26 1.52 -15.79
N LYS A 146 -10.16 1.29 -16.50
CA LYS A 146 -9.18 0.30 -16.09
C LYS A 146 -8.17 0.92 -15.14
N ARG A 147 -7.28 0.08 -14.61
CA ARG A 147 -6.28 0.54 -13.65
C ARG A 147 -5.27 1.49 -14.29
N SER A 148 -5.00 1.33 -15.59
CA SER A 148 -3.91 2.07 -16.21
C SER A 148 -4.29 3.52 -16.45
N GLU A 149 -5.31 3.75 -17.28
CA GLU A 149 -5.62 5.12 -17.71
C GLU A 149 -6.11 5.98 -16.56
N ALA A 150 -7.03 5.45 -15.74
CA ALA A 150 -7.64 6.26 -14.70
C ALA A 150 -6.62 6.57 -13.61
N PRO A 151 -6.76 7.71 -12.94
CA PRO A 151 -5.89 8.02 -11.79
C PRO A 151 -6.13 7.03 -10.66
N PRO A 152 -5.17 6.87 -9.76
CA PRO A 152 -5.35 5.90 -8.68
C PRO A 152 -6.58 6.19 -7.85
N HIS A 153 -7.34 5.14 -7.54
CA HIS A 153 -8.56 5.27 -6.75
C HIS A 153 -9.08 3.87 -6.46
N ILE A 154 -9.76 3.73 -5.32
CA ILE A 154 -10.31 2.43 -4.94
C ILE A 154 -11.39 2.00 -5.94
N PHE A 155 -12.11 2.95 -6.51
CA PHE A 155 -13.14 2.62 -7.49
C PHE A 155 -12.54 1.89 -8.68
N SER A 156 -11.30 2.21 -9.05
CA SER A 156 -10.67 1.53 -10.18
C SER A 156 -10.51 0.05 -9.90
N ILE A 157 -9.99 -0.30 -8.71
CA ILE A 157 -9.83 -1.70 -8.38
C ILE A 157 -11.18 -2.38 -8.20
N SER A 158 -12.17 -1.66 -7.66
CA SER A 158 -13.51 -2.25 -7.54
C SER A 158 -14.07 -2.60 -8.91
N ASP A 159 -13.94 -1.67 -9.87
CA ASP A 159 -14.41 -1.94 -11.22
C ASP A 159 -13.61 -3.06 -11.87
N ASN A 160 -12.30 -3.14 -11.59
CA ASN A 160 -11.50 -4.24 -12.12
C ASN A 160 -11.99 -5.58 -11.59
N ALA A 161 -12.30 -5.65 -10.29
CA ALA A 161 -12.84 -6.87 -9.72
C ALA A 161 -14.20 -7.21 -10.34
N TYR A 162 -15.04 -6.19 -10.54
CA TYR A 162 -16.33 -6.42 -11.17
C TYR A 162 -16.17 -6.97 -12.58
N GLN A 163 -15.24 -6.41 -13.35
CA GLN A 163 -14.99 -6.91 -14.69
C GLN A 163 -14.43 -8.33 -14.67
N TYR A 164 -13.56 -8.62 -13.69
CA TYR A 164 -13.05 -9.98 -13.55
C TYR A 164 -14.19 -10.96 -13.29
N MET A 165 -15.11 -10.60 -12.39
CA MET A 165 -16.24 -11.47 -12.12
C MET A 165 -17.10 -11.64 -13.37
N LEU A 166 -17.31 -10.55 -14.11
CA LEU A 166 -18.13 -10.61 -15.32
C LEU A 166 -17.52 -11.53 -16.36
N THR A 167 -16.22 -11.41 -16.59
CA THR A 167 -15.57 -12.11 -17.70
C THR A 167 -15.14 -13.53 -17.33
N ASP A 168 -14.92 -13.83 -16.06
CA ASP A 168 -14.46 -15.13 -15.63
C ASP A 168 -15.52 -15.95 -14.91
N ARG A 169 -16.58 -15.32 -14.42
CA ARG A 169 -17.65 -16.02 -13.72
C ARG A 169 -17.10 -16.75 -12.50
N GLU A 170 -16.49 -15.98 -11.60
CA GLU A 170 -15.93 -16.52 -10.38
C GLU A 170 -15.98 -15.47 -9.29
N ASN A 171 -15.91 -15.92 -8.04
CA ASN A 171 -15.96 -15.00 -6.91
C ASN A 171 -14.70 -14.13 -6.87
N GLN A 172 -14.86 -12.91 -6.40
CA GLN A 172 -13.76 -11.96 -6.24
C GLN A 172 -13.75 -11.46 -4.81
N SER A 173 -12.55 -11.19 -4.29
CA SER A 173 -12.38 -10.72 -2.93
C SER A 173 -11.40 -9.56 -2.89
N ILE A 174 -11.70 -8.58 -2.04
CA ILE A 174 -10.87 -7.40 -1.85
C ILE A 174 -10.50 -7.31 -0.38
N LEU A 175 -9.21 -7.31 -0.09
CA LEU A 175 -8.70 -7.37 1.28
C LEU A 175 -8.08 -6.03 1.65
N ILE A 176 -8.40 -5.55 2.85
CA ILE A 176 -7.89 -4.28 3.37
C ILE A 176 -7.24 -4.55 4.71
N THR A 177 -6.00 -4.08 4.86
CA THR A 177 -5.23 -4.25 6.08
C THR A 177 -4.30 -3.07 6.26
N GLY A 178 -4.41 -2.41 7.41
CA GLY A 178 -3.55 -1.30 7.73
C GLY A 178 -3.53 -1.09 9.23
N GLU A 179 -2.63 -0.22 9.68
CA GLU A 179 -2.52 0.06 11.10
C GLU A 179 -3.82 0.63 11.62
N SER A 180 -4.15 0.27 12.87
CA SER A 180 -5.41 0.70 13.45
C SER A 180 -5.54 2.21 13.38
N GLY A 181 -6.70 2.69 12.95
CA GLY A 181 -6.93 4.09 12.71
C GLY A 181 -6.59 4.56 11.32
N ALA A 182 -6.16 3.66 10.43
CA ALA A 182 -5.83 4.03 9.06
C ALA A 182 -7.06 4.35 8.24
N GLY A 183 -8.25 4.12 8.78
CA GLY A 183 -9.48 4.47 8.09
C GLY A 183 -10.06 3.36 7.24
N LYS A 184 -9.79 2.12 7.62
CA LYS A 184 -10.28 0.99 6.84
C LYS A 184 -11.80 0.98 6.79
N THR A 185 -12.45 1.25 7.91
CA THR A 185 -13.90 1.27 7.96
C THR A 185 -14.45 2.28 6.96
N VAL A 186 -13.91 3.48 6.98
CA VAL A 186 -14.36 4.52 6.06
C VAL A 186 -14.16 4.06 4.62
N ASN A 187 -13.01 3.46 4.32
CA ASN A 187 -12.76 2.99 2.95
C ASN A 187 -13.77 1.92 2.55
N THR A 188 -14.08 1.00 3.47
CA THR A 188 -15.10 0.00 3.19
C THR A 188 -16.45 0.65 2.94
N LYS A 189 -16.78 1.68 3.71
CA LYS A 189 -18.06 2.36 3.52
C LYS A 189 -18.12 3.03 2.14
N ARG A 190 -17.03 3.69 1.75
CA ARG A 190 -17.00 4.30 0.42
C ARG A 190 -17.17 3.26 -0.68
N VAL A 191 -16.43 2.15 -0.58
CA VAL A 191 -16.50 1.15 -1.63
C VAL A 191 -17.87 0.49 -1.68
N ILE A 192 -18.51 0.31 -0.50
CA ILE A 192 -19.81 -0.33 -0.51
C ILE A 192 -20.87 0.58 -1.15
N GLN A 193 -20.82 1.90 -0.90
CA GLN A 193 -21.70 2.76 -1.69
C GLN A 193 -21.33 2.75 -3.16
N TYR A 194 -20.05 2.63 -3.49
CA TYR A 194 -19.69 2.51 -4.90
C TYR A 194 -20.37 1.32 -5.54
N PHE A 195 -20.34 0.17 -4.84
CA PHE A 195 -21.07 -1.00 -5.32
C PHE A 195 -22.56 -0.73 -5.42
N ALA A 196 -23.12 -0.05 -4.42
CA ALA A 196 -24.55 0.27 -4.44
C ALA A 196 -24.92 1.01 -5.71
N VAL A 197 -24.03 1.84 -6.23
CA VAL A 197 -24.29 2.58 -7.45
C VAL A 197 -23.85 1.76 -8.66
N LEU A 216 -29.94 -1.07 0.63
CA LEU A 216 -29.37 -1.98 1.62
C LEU A 216 -28.14 -1.36 2.28
N GLU A 217 -27.33 -0.65 1.48
CA GLU A 217 -26.15 0.01 2.02
C GLU A 217 -26.53 0.93 3.17
N ASP A 218 -27.71 1.55 3.10
CA ASP A 218 -28.18 2.35 4.22
C ASP A 218 -28.28 1.51 5.48
N GLN A 219 -28.80 0.29 5.35
CA GLN A 219 -28.86 -0.61 6.50
C GLN A 219 -27.46 -0.96 6.99
N ILE A 220 -26.51 -1.14 6.06
CA ILE A 220 -25.14 -1.44 6.46
C ILE A 220 -24.58 -0.33 7.32
N ILE A 221 -24.72 0.91 6.86
CA ILE A 221 -24.18 2.03 7.63
C ILE A 221 -24.95 2.18 8.94
N GLN A 222 -26.26 1.92 8.92
CA GLN A 222 -27.05 2.02 10.15
C GLN A 222 -26.59 1.02 11.19
N ALA A 223 -26.24 -0.19 10.77
CA ALA A 223 -25.76 -1.21 11.69
C ALA A 223 -24.31 -1.02 12.09
N ASN A 224 -23.51 -0.34 11.26
CA ASN A 224 -22.09 -0.22 11.53
C ASN A 224 -21.76 0.30 12.92
N PRO A 225 -22.42 1.35 13.43
CA PRO A 225 -22.08 1.81 14.79
C PRO A 225 -22.22 0.73 15.84
N ALA A 226 -23.24 -0.11 15.75
CA ALA A 226 -23.43 -1.16 16.75
C ALA A 226 -22.26 -2.15 16.72
N LEU A 227 -21.90 -2.62 15.54
CA LEU A 227 -20.78 -3.55 15.43
C LEU A 227 -19.49 -2.91 15.93
N GLU A 228 -19.26 -1.65 15.55
CA GLU A 228 -18.05 -0.97 16.02
C GLU A 228 -18.03 -0.88 17.53
N ALA A 229 -19.15 -0.50 18.15
CA ALA A 229 -19.19 -0.36 19.60
C ALA A 229 -18.99 -1.69 20.30
N PHE A 230 -19.58 -2.77 19.76
CA PHE A 230 -19.45 -4.10 20.37
C PHE A 230 -18.16 -4.81 19.99
N GLY A 231 -17.37 -4.26 19.06
CA GLY A 231 -16.18 -4.94 18.61
C GLY A 231 -14.96 -4.05 18.50
N ASN A 232 -14.87 -3.03 19.35
CA ASN A 232 -13.73 -2.13 19.36
C ASN A 232 -13.35 -1.79 20.79
N ALA A 233 -12.10 -1.37 20.96
CA ALA A 233 -11.59 -0.92 22.24
C ALA A 233 -10.43 0.02 21.98
N LYS A 234 -10.05 0.77 23.01
CA LYS A 234 -8.99 1.75 22.90
C LYS A 234 -7.64 1.07 23.02
N THR A 235 -6.79 1.25 22.02
CA THR A 235 -5.42 0.78 22.07
C THR A 235 -4.51 1.93 22.51
N VAL A 236 -3.28 1.58 22.89
CA VAL A 236 -2.31 2.61 23.25
C VAL A 236 -1.96 3.48 22.05
N ARG A 237 -2.22 3.02 20.83
CA ARG A 237 -1.98 3.80 19.63
C ARG A 237 -3.24 4.37 19.01
N ASN A 238 -4.39 3.73 19.21
CA ASN A 238 -5.65 4.18 18.63
C ASN A 238 -6.75 4.07 19.68
N ASP A 239 -7.79 4.89 19.50
CA ASP A 239 -8.90 4.94 20.42
C ASP A 239 -10.10 4.11 19.98
N ASN A 240 -10.17 3.73 18.71
CA ASN A 240 -11.30 2.98 18.16
C ASN A 240 -10.81 1.81 17.32
N SER A 241 -9.87 1.05 17.88
CA SER A 241 -9.33 -0.10 17.18
C SER A 241 -10.40 -1.18 17.00
N SER A 242 -10.43 -1.78 15.81
CA SER A 242 -11.35 -2.89 15.52
C SER A 242 -10.57 -4.18 15.66
N ARG A 243 -10.73 -4.86 16.81
CA ARG A 243 -9.93 -6.05 17.07
C ARG A 243 -10.29 -7.18 16.11
N PHE A 244 -11.58 -7.49 15.99
CA PHE A 244 -12.03 -8.57 15.13
C PHE A 244 -11.97 -8.14 13.67
N GLY A 245 -12.02 -9.12 12.77
CA GLY A 245 -12.01 -8.87 11.33
C GLY A 245 -13.42 -8.93 10.78
N LYS A 246 -13.66 -8.21 9.69
CA LYS A 246 -14.98 -8.18 9.05
C LYS A 246 -14.86 -8.67 7.62
N PHE A 247 -15.89 -9.37 7.15
CA PHE A 247 -15.95 -9.90 5.79
C PHE A 247 -17.39 -9.68 5.31
N ILE A 248 -17.59 -8.63 4.51
CA ILE A 248 -18.91 -8.30 3.99
C ILE A 248 -19.03 -8.85 2.58
N ARG A 249 -20.01 -9.71 2.36
CA ARG A 249 -20.21 -10.39 1.09
C ARG A 249 -21.44 -9.82 0.40
N ILE A 250 -21.24 -9.24 -0.78
CA ILE A 250 -22.32 -8.69 -1.59
C ILE A 250 -22.74 -9.78 -2.57
N HIS A 251 -23.86 -10.43 -2.27
CA HIS A 251 -24.42 -11.43 -3.17
C HIS A 251 -25.10 -10.74 -4.34
N PHE A 252 -24.60 -11.02 -5.54
CA PHE A 252 -25.09 -10.43 -6.78
C PHE A 252 -26.04 -11.40 -7.47
N GLY A 253 -26.56 -10.97 -8.62
CA GLY A 253 -27.37 -11.81 -9.47
C GLY A 253 -26.60 -12.37 -10.64
N ALA A 254 -27.30 -13.18 -11.44
CA ALA A 254 -26.67 -13.75 -12.63
C ALA A 254 -26.25 -12.67 -13.61
N THR A 255 -26.93 -11.52 -13.59
CA THR A 255 -26.61 -10.40 -14.46
C THR A 255 -25.81 -9.31 -13.76
N GLY A 256 -25.19 -9.64 -12.63
CA GLY A 256 -24.36 -8.68 -11.92
C GLY A 256 -25.12 -7.51 -11.34
N LYS A 257 -26.30 -7.75 -10.79
CA LYS A 257 -27.08 -6.73 -10.10
C LYS A 257 -27.13 -7.06 -8.62
N LEU A 258 -27.04 -6.02 -7.79
CA LEU A 258 -27.05 -6.21 -6.34
C LEU A 258 -28.30 -6.97 -5.93
N ALA A 259 -28.10 -8.05 -5.18
CA ALA A 259 -29.21 -8.89 -4.74
C ALA A 259 -29.36 -8.86 -3.22
N SER A 260 -28.27 -9.04 -2.46
CA SER A 260 -28.37 -9.02 -1.02
C SER A 260 -26.97 -8.87 -0.43
N ALA A 261 -26.90 -8.77 0.89
CA ALA A 261 -25.65 -8.58 1.61
C ALA A 261 -25.61 -9.47 2.84
N ASP A 262 -24.43 -10.04 3.10
CA ASP A 262 -24.17 -10.84 4.29
C ASP A 262 -22.91 -10.29 4.95
N ILE A 263 -22.75 -10.58 6.25
CA ILE A 263 -21.58 -10.16 6.99
C ILE A 263 -21.11 -11.32 7.86
N GLU A 264 -19.79 -11.51 7.91
CA GLU A 264 -19.17 -12.56 8.71
C GLU A 264 -18.04 -11.95 9.52
N THR A 265 -17.89 -12.42 10.75
CA THR A 265 -16.87 -11.92 11.68
C THR A 265 -15.96 -13.05 12.11
N TYR A 266 -14.66 -12.77 12.12
CA TYR A 266 -13.67 -13.76 12.51
C TYR A 266 -12.68 -13.15 13.49
N LEU A 267 -12.16 -14.01 14.37
CA LEU A 267 -11.05 -13.67 15.26
C LEU A 267 -11.46 -12.58 16.25
N LEU A 268 -12.52 -12.84 17.00
CA LEU A 268 -12.87 -11.98 18.11
C LEU A 268 -11.96 -12.26 19.30
N GLU A 269 -11.52 -11.19 19.97
CA GLU A 269 -10.51 -11.28 21.01
C GLU A 269 -11.20 -11.46 22.36
N LYS A 270 -11.35 -12.72 22.77
CA LYS A 270 -11.90 -13.00 24.09
C LYS A 270 -10.98 -12.50 25.19
N SER A 271 -9.66 -12.48 24.93
CA SER A 271 -8.73 -11.99 25.93
C SER A 271 -9.03 -10.55 26.33
N ARG A 272 -9.53 -9.74 25.39
CA ARG A 272 -9.92 -8.38 25.73
C ARG A 272 -11.02 -8.37 26.77
N VAL A 273 -12.06 -9.18 26.57
CA VAL A 273 -13.17 -9.21 27.52
C VAL A 273 -12.68 -9.71 28.88
N ILE A 274 -11.92 -10.80 28.89
CA ILE A 274 -11.49 -11.36 30.17
C ILE A 274 -10.43 -10.47 30.82
N PHE A 275 -9.50 -9.95 30.03
CA PHE A 275 -8.33 -9.28 30.57
C PHE A 275 -8.05 -8.00 29.80
N GLN A 276 -7.49 -7.01 30.50
CA GLN A 276 -7.09 -5.75 29.91
C GLN A 276 -5.71 -5.37 30.44
N LEU A 277 -4.99 -4.56 29.66
CA LEU A 277 -3.65 -4.13 30.02
C LEU A 277 -3.70 -2.87 30.86
N LYS A 278 -2.52 -2.42 31.31
CA LYS A 278 -2.46 -1.26 32.18
C LYS A 278 -2.97 0.00 31.49
N ALA A 279 -2.59 0.19 30.22
CA ALA A 279 -2.95 1.38 29.45
C ALA A 279 -3.98 1.04 28.38
N GLU A 280 -4.95 0.19 28.72
CA GLU A 280 -5.93 -0.30 27.77
C GLU A 280 -7.32 -0.21 28.36
N ARG A 281 -8.31 -0.03 27.49
CA ARG A 281 -9.72 -0.06 27.87
C ARG A 281 -10.35 -1.37 27.42
N ASP A 282 -11.50 -1.67 27.99
CA ASP A 282 -12.32 -2.79 27.53
C ASP A 282 -13.15 -2.33 26.33
N TYR A 283 -14.12 -3.14 25.92
CA TYR A 283 -14.95 -2.76 24.79
C TYR A 283 -15.81 -1.55 25.13
N HIS A 284 -16.21 -0.82 24.09
CA HIS A 284 -16.92 0.44 24.30
C HIS A 284 -18.25 0.24 25.01
N ILE A 285 -18.87 -0.93 24.86
CA ILE A 285 -20.23 -1.12 25.34
C ILE A 285 -20.29 -1.00 26.86
N PHE A 286 -19.36 -1.66 27.55
CA PHE A 286 -19.40 -1.67 29.01
C PHE A 286 -19.30 -0.24 29.55
N TYR A 287 -18.36 0.53 29.02
CA TYR A 287 -18.22 1.91 29.47
C TYR A 287 -19.42 2.75 29.07
N GLN A 288 -20.02 2.48 27.91
CA GLN A 288 -21.20 3.21 27.51
C GLN A 288 -22.33 3.03 28.51
N ILE A 289 -22.64 1.78 28.86
CA ILE A 289 -23.67 1.56 29.88
C ILE A 289 -23.22 2.10 31.24
N LEU A 290 -21.91 2.14 31.49
CA LEU A 290 -21.44 2.81 32.70
C LEU A 290 -21.74 4.30 32.69
N SER A 291 -21.98 4.90 31.52
CA SER A 291 -22.45 6.27 31.47
C SER A 291 -23.86 6.35 32.04
N ASN A 292 -24.12 7.37 32.86
CA ASN A 292 -25.37 7.46 33.58
C ASN A 292 -26.46 8.21 32.80
N LYS A 293 -26.19 8.63 31.58
CA LYS A 293 -27.19 9.38 30.82
C LYS A 293 -28.34 8.49 30.33
N LYS A 294 -28.36 7.23 30.73
CA LYS A 294 -29.49 6.33 30.52
C LYS A 294 -29.80 5.65 31.84
N PRO A 295 -30.33 6.40 32.81
CA PRO A 295 -30.45 5.85 34.18
C PRO A 295 -31.33 4.62 34.27
N GLU A 296 -32.30 4.46 33.36
CA GLU A 296 -33.20 3.31 33.46
C GLU A 296 -32.44 2.00 33.34
N LEU A 297 -31.49 1.93 32.40
CA LEU A 297 -30.71 0.70 32.24
C LEU A 297 -29.90 0.40 33.50
N LEU A 298 -29.28 1.42 34.07
CA LEU A 298 -28.52 1.22 35.31
C LEU A 298 -29.43 0.71 36.42
N ASP A 299 -30.63 1.29 36.53
CA ASP A 299 -31.55 0.87 37.58
C ASP A 299 -31.96 -0.59 37.39
N MET A 300 -32.29 -0.99 36.16
CA MET A 300 -32.75 -2.35 35.92
C MET A 300 -31.61 -3.36 35.84
N LEU A 301 -30.36 -2.90 35.70
CA LEU A 301 -29.21 -3.78 35.73
C LEU A 301 -28.53 -3.83 37.09
N LEU A 302 -29.07 -3.13 38.10
CA LEU A 302 -28.47 -3.11 39.43
C LEU A 302 -27.01 -2.67 39.37
N ILE A 303 -26.75 -1.65 38.55
CA ILE A 303 -25.40 -1.14 38.31
C ILE A 303 -25.18 0.08 39.18
N THR A 304 -24.07 0.11 39.91
CA THR A 304 -23.76 1.18 40.83
C THR A 304 -23.10 2.39 40.16
N ASN A 305 -22.84 2.31 38.85
CA ASN A 305 -22.27 3.44 38.11
C ASN A 305 -20.83 3.69 38.51
N ASN A 306 -20.21 2.74 39.23
CA ASN A 306 -18.82 2.85 39.61
C ASN A 306 -18.02 1.79 38.89
N PRO A 307 -17.27 2.12 37.83
CA PRO A 307 -16.52 1.07 37.11
C PRO A 307 -15.54 0.32 37.99
N TYR A 308 -15.02 0.93 39.05
CA TYR A 308 -14.04 0.28 39.90
C TYR A 308 -14.64 -0.85 40.73
N ASP A 309 -15.97 -0.98 40.76
CA ASP A 309 -16.62 -2.06 41.50
C ASP A 309 -16.68 -3.36 40.71
N TYR A 310 -16.20 -3.38 39.47
CA TYR A 310 -16.23 -4.57 38.63
C TYR A 310 -14.80 -4.93 38.25
N ALA A 311 -14.38 -6.14 38.61
CA ALA A 311 -13.00 -6.55 38.40
C ALA A 311 -12.66 -6.60 36.91
N PHE A 312 -13.59 -7.10 36.08
CA PHE A 312 -13.29 -7.30 34.67
C PHE A 312 -12.96 -6.02 33.92
N ILE A 313 -13.32 -4.85 34.46
CA ILE A 313 -13.10 -3.58 33.80
C ILE A 313 -12.07 -2.73 34.54
N SER A 314 -12.05 -2.81 35.87
CA SER A 314 -11.18 -1.92 36.65
C SER A 314 -9.71 -2.09 36.29
N GLN A 315 -9.27 -3.32 36.03
CA GLN A 315 -7.85 -3.56 35.82
C GLN A 315 -7.32 -2.84 34.59
N GLY A 316 -8.19 -2.43 33.67
CA GLY A 316 -7.74 -1.71 32.49
C GLY A 316 -7.67 -0.21 32.72
N GLU A 317 -8.12 0.56 31.73
CA GLU A 317 -8.17 2.01 31.84
C GLU A 317 -9.60 2.45 32.12
N THR A 318 -9.79 3.25 33.16
CA THR A 318 -11.12 3.61 33.61
C THR A 318 -11.89 4.33 32.50
N THR A 319 -11.41 5.50 32.09
CA THR A 319 -12.11 6.29 31.09
C THR A 319 -11.12 7.19 30.37
N VAL A 320 -11.52 7.67 29.20
CA VAL A 320 -10.71 8.59 28.40
C VAL A 320 -11.60 9.75 27.97
N ALA A 321 -10.96 10.89 27.72
CA ALA A 321 -11.67 12.10 27.32
C ALA A 321 -11.86 12.22 25.82
N SER A 322 -11.26 11.33 25.03
CA SER A 322 -11.40 11.42 23.58
C SER A 322 -12.82 11.08 23.13
N ILE A 323 -13.55 10.30 23.92
CA ILE A 323 -14.91 9.91 23.60
C ILE A 323 -15.82 10.27 24.75
N ASP A 324 -17.02 10.77 24.42
CA ASP A 324 -17.98 11.21 25.40
C ASP A 324 -18.89 10.08 25.88
N ASP A 325 -18.70 8.86 25.38
CA ASP A 325 -19.40 7.69 25.87
C ASP A 325 -20.91 7.80 25.65
N ALA A 326 -21.56 8.72 26.36
CA ALA A 326 -23.02 8.79 26.33
C ALA A 326 -23.54 8.96 24.91
N GLU A 327 -22.90 9.82 24.12
CA GLU A 327 -23.32 10.00 22.74
C GLU A 327 -23.21 8.70 21.96
N GLU A 328 -22.13 7.95 22.17
CA GLU A 328 -21.99 6.65 21.52
C GLU A 328 -23.10 5.70 21.97
N LEU A 329 -23.45 5.75 23.26
CA LEU A 329 -24.53 4.91 23.76
C LEU A 329 -25.84 5.23 23.05
N MET A 330 -26.16 6.52 22.90
CA MET A 330 -27.38 6.90 22.20
C MET A 330 -27.32 6.49 20.73
N ALA A 331 -26.16 6.60 20.10
CA ALA A 331 -26.03 6.18 18.72
C ALA A 331 -26.32 4.69 18.58
N THR A 332 -25.73 3.88 19.47
CA THR A 332 -25.97 2.44 19.43
C THR A 332 -27.43 2.11 19.72
N ASP A 333 -28.04 2.82 20.67
CA ASP A 333 -29.44 2.59 20.98
C ASP A 333 -30.33 2.93 19.80
N ASN A 334 -30.02 4.02 19.09
CA ASN A 334 -30.77 4.35 17.88
C ASN A 334 -30.59 3.26 16.82
N ALA A 335 -29.36 2.77 16.66
CA ALA A 335 -29.12 1.71 15.69
C ALA A 335 -29.94 0.47 16.02
N PHE A 336 -29.98 0.09 17.30
CA PHE A 336 -30.76 -1.07 17.70
C PHE A 336 -32.26 -0.85 17.49
N ASP A 337 -32.78 0.28 17.98
CA ASP A 337 -34.22 0.48 18.03
C ASP A 337 -34.82 0.49 16.64
N VAL A 338 -34.30 1.33 15.75
CA VAL A 338 -34.80 1.40 14.37
C VAL A 338 -33.98 0.39 13.57
N LEU A 339 -34.39 -0.87 13.65
CA LEU A 339 -33.74 -1.97 12.96
C LEU A 339 -34.63 -3.19 13.11
N GLY A 340 -34.22 -4.31 12.52
CA GLY A 340 -35.09 -5.46 12.42
C GLY A 340 -35.59 -6.02 13.73
N PHE A 341 -34.79 -5.94 14.79
CA PHE A 341 -35.14 -6.58 16.05
C PHE A 341 -35.92 -5.62 16.95
N THR A 342 -36.57 -6.20 17.95
CA THR A 342 -37.49 -5.49 18.82
C THR A 342 -36.75 -4.92 20.03
N SER A 343 -37.51 -4.45 21.01
CA SER A 343 -36.95 -3.81 22.20
C SER A 343 -36.64 -4.80 23.31
N GLU A 344 -37.50 -5.80 23.52
CA GLU A 344 -37.24 -6.77 24.58
C GLU A 344 -35.96 -7.55 24.32
N GLU A 345 -35.63 -7.80 23.06
CA GLU A 345 -34.36 -8.46 22.75
C GLU A 345 -33.18 -7.57 23.14
N LYS A 346 -33.28 -6.27 22.89
CA LYS A 346 -32.25 -5.35 23.33
C LYS A 346 -32.13 -5.34 24.85
N ASN A 347 -33.27 -5.37 25.55
CA ASN A 347 -33.25 -5.43 27.00
C ASN A 347 -32.57 -6.70 27.48
N SER A 348 -32.84 -7.83 26.82
CA SER A 348 -32.17 -9.08 27.18
C SER A 348 -30.67 -8.99 26.95
N MET A 349 -30.26 -8.39 25.84
CA MET A 349 -28.84 -8.23 25.57
C MET A 349 -28.16 -7.41 26.66
N TYR A 350 -28.79 -6.30 27.05
CA TYR A 350 -28.24 -5.48 28.13
C TYR A 350 -28.21 -6.25 29.44
N LYS A 351 -29.26 -7.02 29.72
CA LYS A 351 -29.29 -7.83 30.93
C LYS A 351 -28.12 -8.80 30.98
N LEU A 352 -27.87 -9.49 29.86
CA LEU A 352 -26.78 -10.45 29.83
C LEU A 352 -25.42 -9.78 29.92
N THR A 353 -25.26 -8.62 29.29
CA THR A 353 -23.99 -7.89 29.42
C THR A 353 -23.76 -7.49 30.86
N GLY A 354 -24.80 -7.00 31.54
CA GLY A 354 -24.66 -6.68 32.95
C GLY A 354 -24.33 -7.89 33.79
N ALA A 355 -24.93 -9.04 33.46
CA ALA A 355 -24.61 -10.27 34.17
C ALA A 355 -23.14 -10.62 33.98
N ILE A 356 -22.63 -10.50 32.76
CA ILE A 356 -21.21 -10.70 32.51
C ILE A 356 -20.39 -9.78 33.41
N MET A 357 -20.78 -8.51 33.47
CA MET A 357 -20.08 -7.57 34.34
C MET A 357 -20.12 -8.04 35.79
N HIS A 358 -21.22 -8.66 36.20
CA HIS A 358 -21.37 -9.06 37.60
C HIS A 358 -20.40 -10.18 37.97
N PHE A 359 -20.02 -11.03 37.01
CA PHE A 359 -19.22 -12.19 37.34
C PHE A 359 -17.88 -11.84 37.95
N GLY A 360 -17.41 -10.61 37.78
CA GLY A 360 -16.12 -10.23 38.31
C GLY A 360 -16.15 -9.84 39.77
N ASN A 361 -17.00 -10.49 40.56
CA ASN A 361 -17.12 -10.16 41.98
C ASN A 361 -17.28 -11.36 42.89
N MET A 362 -17.25 -12.59 42.38
CA MET A 362 -17.34 -13.75 43.25
C MET A 362 -16.02 -14.00 43.94
N LYS A 363 -16.03 -14.56 45.15
CA LYS A 363 -14.77 -14.72 45.87
C LYS A 363 -14.40 -16.19 46.09
N PHE A 364 -15.38 -17.01 46.41
CA PHE A 364 -15.12 -18.43 46.63
C PHE A 364 -14.14 -18.62 47.76
N LYS A 365 -13.79 -19.87 48.07
CA LYS A 365 -12.83 -20.12 49.12
C LYS A 365 -12.62 -21.62 49.20
N LEU A 366 -11.38 -22.06 49.40
CA LEU A 366 -11.14 -23.49 49.40
C LEU A 366 -11.64 -24.08 50.69
N LYS A 367 -12.47 -25.11 50.58
CA LYS A 367 -13.02 -25.74 51.76
C LYS A 367 -11.89 -26.15 52.68
N GLN A 368 -12.02 -25.87 53.96
CA GLN A 368 -10.97 -26.20 54.90
C GLN A 368 -10.68 -27.68 54.84
N ARG A 369 -9.41 -28.04 54.88
CA ARG A 369 -9.03 -29.44 54.84
C ARG A 369 -9.56 -30.10 53.58
N GLU A 370 -9.58 -29.36 52.48
CA GLU A 370 -10.09 -29.90 51.24
C GLU A 370 -9.71 -28.99 50.09
N GLU A 371 -9.65 -29.53 48.88
CA GLU A 371 -9.27 -28.73 47.72
C GLU A 371 -10.49 -28.12 47.03
N GLN A 372 -11.67 -28.67 47.27
CA GLN A 372 -12.88 -28.11 46.71
C GLN A 372 -13.05 -26.69 47.21
N ALA A 373 -13.71 -25.85 46.43
CA ALA A 373 -13.91 -24.46 46.82
C ALA A 373 -15.39 -24.12 46.87
N GLU A 374 -15.80 -23.39 47.91
CA GLU A 374 -17.20 -22.99 48.06
C GLU A 374 -17.32 -21.47 48.00
N PRO A 375 -18.50 -20.95 47.60
CA PRO A 375 -18.67 -19.50 47.45
C PRO A 375 -18.86 -18.75 48.76
N ASP A 376 -18.56 -17.45 48.79
CA ASP A 376 -18.75 -16.64 49.99
C ASP A 376 -19.74 -15.50 49.77
N GLY A 377 -19.52 -14.69 48.74
CA GLY A 377 -20.44 -13.61 48.44
C GLY A 377 -21.62 -14.06 47.60
N THR A 378 -22.57 -14.75 48.23
CA THR A 378 -23.71 -15.30 47.51
C THR A 378 -24.79 -14.24 47.31
N GLU A 379 -24.41 -13.09 46.79
CA GLU A 379 -25.34 -12.03 46.40
C GLU A 379 -25.15 -11.59 44.97
N GLU A 380 -23.91 -11.53 44.49
CA GLU A 380 -23.68 -11.32 43.06
C GLU A 380 -24.24 -12.47 42.25
N ALA A 381 -24.07 -13.69 42.76
CA ALA A 381 -24.66 -14.85 42.10
C ALA A 381 -26.17 -14.71 42.01
N ASP A 382 -26.80 -14.20 43.06
CA ASP A 382 -28.24 -13.99 43.02
C ASP A 382 -28.63 -13.02 41.91
N LYS A 383 -27.90 -11.90 41.81
CA LYS A 383 -28.19 -10.93 40.76
C LYS A 383 -28.03 -11.55 39.38
N SER A 384 -26.94 -12.29 39.18
CA SER A 384 -26.70 -12.91 37.89
C SER A 384 -27.80 -13.91 37.54
N ALA A 385 -28.18 -14.74 38.51
CA ALA A 385 -29.23 -15.73 38.27
C ALA A 385 -30.55 -15.05 37.93
N TYR A 386 -30.88 -13.98 38.64
CA TYR A 386 -32.08 -13.21 38.29
C TYR A 386 -31.97 -12.65 36.87
N LEU A 387 -30.78 -12.16 36.51
CA LEU A 387 -30.60 -11.61 35.17
C LEU A 387 -30.86 -12.67 34.10
N MET A 388 -30.32 -13.88 34.28
CA MET A 388 -30.58 -14.97 33.36
C MET A 388 -31.82 -15.77 33.71
N GLY A 389 -32.47 -15.48 34.84
CA GLY A 389 -33.61 -16.26 35.26
C GLY A 389 -33.26 -17.62 35.83
N LEU A 390 -31.98 -17.87 36.10
CA LEU A 390 -31.55 -19.15 36.64
C LEU A 390 -31.77 -19.18 38.16
N ASN A 391 -31.35 -20.28 38.78
CA ASN A 391 -31.38 -20.44 40.22
C ASN A 391 -29.96 -20.28 40.76
N SER A 392 -29.79 -19.38 41.72
CA SER A 392 -28.46 -19.12 42.26
C SER A 392 -27.86 -20.37 42.88
N ALA A 393 -28.65 -21.11 43.65
CA ALA A 393 -28.14 -22.32 44.27
C ALA A 393 -27.73 -23.35 43.21
N ASP A 394 -28.54 -23.53 42.17
CA ASP A 394 -28.20 -24.48 41.13
C ASP A 394 -26.92 -24.09 40.42
N LEU A 395 -26.77 -22.80 40.10
CA LEU A 395 -25.56 -22.34 39.43
C LEU A 395 -24.34 -22.54 40.31
N LEU A 396 -24.46 -22.23 41.60
CA LEU A 396 -23.33 -22.41 42.50
C LEU A 396 -22.94 -23.88 42.62
N LYS A 397 -23.94 -24.76 42.74
CA LYS A 397 -23.65 -26.19 42.83
C LYS A 397 -23.00 -26.70 41.55
N GLY A 398 -23.50 -26.26 40.39
CA GLY A 398 -22.89 -26.68 39.13
C GLY A 398 -21.46 -26.21 39.00
N LEU A 399 -21.18 -24.97 39.38
CA LEU A 399 -19.81 -24.47 39.30
C LEU A 399 -18.89 -25.20 40.27
N CYS A 400 -19.36 -25.44 41.49
CA CYS A 400 -18.50 -26.04 42.50
C CYS A 400 -18.27 -27.53 42.25
N HIS A 401 -19.32 -28.24 41.87
CA HIS A 401 -19.27 -29.70 41.70
C HIS A 401 -19.83 -30.06 40.33
N PRO A 402 -19.09 -29.79 39.26
CA PRO A 402 -19.56 -30.18 37.93
C PRO A 402 -19.66 -31.70 37.80
N ARG A 403 -20.62 -32.13 36.99
CA ARG A 403 -20.89 -33.55 36.77
C ARG A 403 -20.60 -33.90 35.32
N VAL A 404 -19.88 -35.00 35.10
CA VAL A 404 -19.53 -35.45 33.77
C VAL A 404 -19.94 -36.92 33.63
N LYS A 405 -20.30 -37.30 32.42
CA LYS A 405 -20.77 -38.65 32.13
C LYS A 405 -19.60 -39.49 31.65
N VAL A 406 -19.18 -40.46 32.46
CA VAL A 406 -18.13 -41.40 32.11
C VAL A 406 -18.80 -42.74 31.85
N GLY A 407 -18.41 -43.41 30.76
CA GLY A 407 -19.07 -44.63 30.36
C GLY A 407 -20.55 -44.37 30.12
N ASN A 408 -21.39 -44.82 31.05
CA ASN A 408 -22.83 -44.56 30.99
C ASN A 408 -23.38 -44.00 32.29
N GLU A 409 -22.53 -43.50 33.18
CA GLU A 409 -22.97 -43.00 34.48
C GLU A 409 -22.34 -41.64 34.75
N TYR A 410 -23.08 -40.82 35.50
CA TYR A 410 -22.66 -39.47 35.83
C TYR A 410 -21.87 -39.47 37.14
N VAL A 411 -20.77 -38.72 37.16
CA VAL A 411 -19.90 -38.62 38.32
C VAL A 411 -19.51 -37.16 38.52
N THR A 412 -19.45 -36.73 39.77
CA THR A 412 -19.04 -35.38 40.10
C THR A 412 -17.53 -35.25 39.95
N LYS A 413 -17.07 -34.00 39.89
CA LYS A 413 -15.66 -33.68 39.78
C LYS A 413 -15.28 -32.66 40.84
N GLY A 414 -14.00 -32.64 41.18
CA GLY A 414 -13.46 -31.70 42.15
C GLY A 414 -12.80 -30.52 41.44
N GLN A 415 -13.00 -29.33 42.01
CA GLN A 415 -12.45 -28.10 41.44
C GLN A 415 -11.91 -27.23 42.56
N ASN A 416 -10.71 -26.72 42.38
CA ASN A 416 -10.12 -25.78 43.35
C ASN A 416 -10.45 -24.35 42.92
N VAL A 417 -9.97 -23.38 43.68
CA VAL A 417 -10.30 -21.98 43.41
C VAL A 417 -9.79 -21.56 42.04
N GLN A 418 -8.55 -21.93 41.71
CA GLN A 418 -7.99 -21.53 40.42
C GLN A 418 -8.79 -22.10 39.26
N GLN A 419 -9.14 -23.39 39.34
CA GLN A 419 -9.88 -24.01 38.26
C GLN A 419 -11.24 -23.37 38.06
N VAL A 420 -11.95 -23.10 39.16
CA VAL A 420 -13.27 -22.49 39.02
C VAL A 420 -13.15 -21.06 38.50
N ILE A 421 -12.11 -20.33 38.91
CA ILE A 421 -11.91 -18.98 38.39
C ILE A 421 -11.69 -19.03 36.88
N TYR A 422 -10.81 -19.94 36.44
CA TYR A 422 -10.59 -20.09 35.01
C TYR A 422 -11.87 -20.47 34.29
N ALA A 423 -12.65 -21.38 34.89
CA ALA A 423 -13.89 -21.83 34.26
C ALA A 423 -14.87 -20.68 34.09
N THR A 424 -15.04 -19.87 35.15
CA THR A 424 -15.99 -18.76 35.05
C THR A 424 -15.51 -17.72 34.05
N GLY A 425 -14.21 -17.44 34.01
CA GLY A 425 -13.70 -16.52 33.01
C GLY A 425 -13.95 -17.03 31.60
N ALA A 426 -13.66 -18.31 31.37
CA ALA A 426 -13.90 -18.91 30.06
C ALA A 426 -15.38 -18.84 29.70
N LEU A 427 -16.26 -19.11 30.67
CA LEU A 427 -17.70 -19.07 30.41
C LEU A 427 -18.14 -17.66 30.03
N ALA A 428 -17.67 -16.66 30.76
CA ALA A 428 -18.04 -15.29 30.47
C ALA A 428 -17.59 -14.89 29.07
N LYS A 429 -16.34 -15.17 28.73
CA LYS A 429 -15.85 -14.80 27.41
C LYS A 429 -16.58 -15.56 26.31
N ALA A 430 -16.89 -16.84 26.55
CA ALA A 430 -17.60 -17.63 25.56
C ALA A 430 -19.00 -17.08 25.33
N VAL A 431 -19.71 -16.71 26.40
CA VAL A 431 -21.05 -16.18 26.21
C VAL A 431 -20.99 -14.83 25.52
N TYR A 432 -19.95 -14.02 25.79
CA TYR A 432 -19.80 -12.76 25.05
C TYR A 432 -19.60 -13.03 23.56
N GLU A 433 -18.74 -13.98 23.22
CA GLU A 433 -18.50 -14.30 21.81
C GLU A 433 -19.79 -14.80 21.15
N ARG A 434 -20.53 -15.66 21.84
CA ARG A 434 -21.79 -16.15 21.29
C ARG A 434 -22.80 -15.03 21.11
N MET A 435 -22.83 -14.07 22.05
CA MET A 435 -23.66 -12.90 21.86
C MET A 435 -23.29 -12.16 20.58
N PHE A 436 -21.99 -11.94 20.37
CA PHE A 436 -21.57 -11.22 19.17
C PHE A 436 -21.98 -11.97 17.91
N ASN A 437 -21.77 -13.29 17.90
CA ASN A 437 -22.13 -14.07 16.73
C ASN A 437 -23.63 -14.04 16.48
N TRP A 438 -24.43 -14.17 17.54
CA TRP A 438 -25.88 -14.15 17.39
C TRP A 438 -26.34 -12.79 16.86
N MET A 439 -25.75 -11.71 17.36
CA MET A 439 -26.11 -10.38 16.87
C MET A 439 -25.78 -10.26 15.38
N VAL A 440 -24.60 -10.72 14.99
CA VAL A 440 -24.24 -10.68 13.58
C VAL A 440 -25.27 -11.45 12.75
N THR A 441 -25.66 -12.64 13.23
CA THR A 441 -26.66 -13.42 12.53
C THR A 441 -27.98 -12.67 12.44
N ARG A 442 -28.37 -11.99 13.50
CA ARG A 442 -29.66 -11.30 13.51
C ARG A 442 -29.69 -10.18 12.49
N ILE A 443 -28.67 -9.31 12.48
CA ILE A 443 -28.64 -8.24 11.49
C ILE A 443 -28.50 -8.82 10.09
N ASN A 444 -27.76 -9.92 9.93
CA ASN A 444 -27.65 -10.51 8.61
C ASN A 444 -29.01 -11.01 8.12
N ALA A 445 -29.77 -11.66 8.99
CA ALA A 445 -31.10 -12.14 8.62
C ALA A 445 -32.02 -10.99 8.29
N THR A 446 -31.98 -9.91 9.09
CA THR A 446 -32.80 -8.74 8.79
C THR A 446 -32.43 -8.16 7.43
N LEU A 447 -31.14 -8.06 7.14
CA LEU A 447 -30.69 -7.44 5.89
C LEU A 447 -30.95 -8.34 4.70
N GLU A 448 -30.83 -9.66 4.89
CA GLU A 448 -30.96 -10.59 3.78
C GLU A 448 -32.37 -10.54 3.21
N THR A 449 -32.48 -10.75 1.90
CA THR A 449 -33.75 -10.77 1.20
C THR A 449 -33.73 -11.90 0.18
N LYS A 450 -34.92 -12.33 -0.23
CA LYS A 450 -35.08 -13.59 -0.95
C LYS A 450 -34.77 -13.49 -2.44
N GLN A 451 -34.13 -12.42 -2.89
CA GLN A 451 -33.73 -12.36 -4.29
C GLN A 451 -32.63 -13.40 -4.55
N PRO A 452 -32.51 -13.86 -5.80
CA PRO A 452 -31.47 -14.85 -6.11
C PRO A 452 -30.09 -14.30 -5.79
N ARG A 453 -29.23 -15.19 -5.29
CA ARG A 453 -27.87 -14.85 -4.90
C ARG A 453 -26.90 -15.62 -5.78
N GLN A 454 -25.91 -14.92 -6.34
CA GLN A 454 -24.95 -15.55 -7.24
C GLN A 454 -23.67 -14.74 -7.26
N TYR A 455 -22.54 -15.43 -7.11
CA TYR A 455 -21.21 -14.86 -7.28
C TYR A 455 -21.01 -13.65 -6.38
N PHE A 456 -21.03 -13.94 -5.08
CA PHE A 456 -20.81 -12.91 -4.08
C PHE A 456 -19.42 -12.31 -4.22
N ILE A 457 -19.32 -11.00 -3.95
CA ILE A 457 -18.05 -10.30 -3.89
C ILE A 457 -17.72 -10.06 -2.43
N GLY A 458 -16.54 -10.52 -2.00
CA GLY A 458 -16.12 -10.39 -0.63
C GLY A 458 -15.30 -9.13 -0.42
N VAL A 459 -15.55 -8.45 0.69
CA VAL A 459 -14.77 -7.29 1.11
C VAL A 459 -14.34 -7.55 2.55
N LEU A 460 -13.06 -7.88 2.73
CA LEU A 460 -12.51 -8.18 4.03
C LEU A 460 -11.71 -6.99 4.52
N ASP A 461 -11.84 -6.67 5.80
CA ASP A 461 -10.94 -5.75 6.46
C ASP A 461 -10.45 -6.36 7.77
N ILE A 462 -9.18 -6.11 8.07
CA ILE A 462 -8.54 -6.70 9.25
C ILE A 462 -7.49 -5.73 9.77
N ALA A 463 -7.12 -5.90 11.03
CA ALA A 463 -6.13 -5.03 11.65
C ALA A 463 -4.75 -5.28 11.05
N GLY A 464 -3.86 -4.31 11.25
CA GLY A 464 -2.56 -4.32 10.63
C GLY A 464 -1.54 -5.15 11.39
N PHE A 465 -0.29 -5.04 10.94
CA PHE A 465 0.83 -5.76 11.54
C PHE A 465 1.44 -4.93 12.66
N GLU A 466 0.66 -4.80 13.74
CA GLU A 466 1.04 -3.90 14.82
C GLU A 466 2.30 -4.38 15.52
N ILE A 467 3.20 -3.43 15.81
CA ILE A 467 4.44 -3.71 16.53
C ILE A 467 4.55 -2.62 17.60
N PHE A 468 4.07 -2.91 18.80
CA PHE A 468 4.14 -1.96 19.91
C PHE A 468 5.44 -2.15 20.66
N ASP A 469 5.60 -1.45 21.78
CA ASP A 469 6.77 -1.57 22.63
C ASP A 469 6.64 -2.68 23.67
N PHE A 470 5.45 -3.26 23.83
CA PHE A 470 5.20 -4.30 24.82
C PHE A 470 4.40 -5.43 24.19
N ASN A 471 4.86 -5.91 23.03
CA ASN A 471 4.13 -6.93 22.29
C ASN A 471 3.88 -8.14 23.19
N SER A 472 2.67 -8.69 23.09
CA SER A 472 2.22 -9.74 23.99
C SER A 472 1.43 -10.78 23.17
N PHE A 473 0.70 -11.64 23.88
CA PHE A 473 0.07 -12.79 23.23
C PHE A 473 -0.93 -12.35 22.17
N GLU A 474 -1.77 -11.35 22.48
CA GLU A 474 -2.71 -10.87 21.48
C GLU A 474 -1.98 -10.34 20.25
N GLN A 475 -0.91 -9.57 20.48
CA GLN A 475 -0.11 -9.11 19.37
C GLN A 475 0.48 -10.28 18.60
N LEU A 476 0.85 -11.34 19.31
CA LEU A 476 1.38 -12.52 18.63
C LEU A 476 0.34 -13.14 17.71
N CYS A 477 -0.91 -13.25 18.18
CA CYS A 477 -1.97 -13.81 17.34
C CYS A 477 -2.20 -12.94 16.11
N ILE A 478 -2.24 -11.61 16.31
CA ILE A 478 -2.45 -10.73 15.17
C ILE A 478 -1.29 -10.84 14.18
N ASN A 479 -0.07 -10.94 14.70
CA ASN A 479 1.09 -11.09 13.83
C ASN A 479 1.03 -12.39 13.05
N PHE A 480 0.59 -13.47 13.68
CA PHE A 480 0.44 -14.74 12.98
C PHE A 480 -0.60 -14.63 11.86
N THR A 481 -1.72 -13.98 12.14
CA THR A 481 -2.73 -13.80 11.11
C THR A 481 -2.17 -13.00 9.94
N ASN A 482 -1.44 -11.91 10.25
CA ASN A 482 -0.85 -11.10 9.20
C ASN A 482 0.17 -11.89 8.41
N GLU A 483 0.94 -12.74 9.09
CA GLU A 483 1.90 -13.59 8.40
C GLU A 483 1.21 -14.52 7.43
N LYS A 484 0.11 -15.13 7.85
CA LYS A 484 -0.65 -16.00 6.95
C LYS A 484 -1.16 -15.22 5.75
N LEU A 485 -1.67 -14.00 5.98
CA LEU A 485 -2.15 -13.18 4.88
C LEU A 485 -1.02 -12.87 3.90
N GLN A 486 0.15 -12.53 4.42
CA GLN A 486 1.29 -12.23 3.55
C GLN A 486 1.70 -13.46 2.75
N GLN A 487 1.68 -14.63 3.38
CA GLN A 487 2.00 -15.86 2.66
C GLN A 487 1.00 -16.09 1.53
N PHE A 488 -0.29 -15.84 1.80
CA PHE A 488 -1.29 -15.98 0.75
C PHE A 488 -1.02 -15.01 -0.38
N PHE A 489 -0.66 -13.77 -0.05
CA PHE A 489 -0.35 -12.79 -1.09
C PHE A 489 0.83 -13.24 -1.95
N ASN A 490 1.88 -13.74 -1.31
CA ASN A 490 3.04 -14.20 -2.05
C ASN A 490 2.69 -15.37 -2.95
N HIS A 491 1.88 -16.30 -2.43
CA HIS A 491 1.46 -17.44 -3.25
C HIS A 491 0.66 -16.99 -4.45
N HIS A 492 -0.24 -16.01 -4.26
CA HIS A 492 -1.01 -15.49 -5.38
C HIS A 492 -0.10 -14.85 -6.42
N MET A 493 0.89 -14.07 -5.98
CA MET A 493 1.82 -13.48 -6.93
C MET A 493 2.58 -14.55 -7.70
N PHE A 494 3.05 -15.59 -6.99
CA PHE A 494 3.78 -16.66 -7.67
C PHE A 494 2.89 -17.36 -8.70
N VAL A 495 1.64 -17.64 -8.34
CA VAL A 495 0.73 -18.30 -9.27
C VAL A 495 0.50 -17.44 -10.50
N LEU A 496 0.28 -16.14 -10.29
CA LEU A 496 0.04 -15.25 -11.42
C LEU A 496 1.25 -15.20 -12.35
N GLU A 497 2.45 -15.08 -11.77
CA GLU A 497 3.65 -15.01 -12.58
C GLU A 497 3.88 -16.32 -13.34
N GLN A 498 3.65 -17.46 -12.69
CA GLN A 498 3.84 -18.74 -13.35
C GLN A 498 2.83 -18.91 -14.49
N GLU A 499 1.58 -18.49 -14.28
CA GLU A 499 0.60 -18.56 -15.35
C GLU A 499 1.03 -17.67 -16.53
N GLU A 500 1.52 -16.47 -16.24
CA GLU A 500 1.97 -15.60 -17.32
C GLU A 500 3.12 -16.24 -18.08
N TYR A 501 4.08 -16.83 -17.36
CA TYR A 501 5.20 -17.49 -18.01
C TYR A 501 4.73 -18.65 -18.90
N LYS A 502 3.81 -19.46 -18.37
CA LYS A 502 3.28 -20.57 -19.16
C LYS A 502 2.59 -20.06 -20.42
N LYS A 503 1.83 -18.97 -20.30
CA LYS A 503 1.20 -18.39 -21.48
C LYS A 503 2.24 -17.94 -22.48
N GLU A 504 3.33 -17.33 -22.02
CA GLU A 504 4.38 -16.86 -22.91
C GLU A 504 5.32 -17.98 -23.34
N GLY A 505 5.22 -19.17 -22.76
CA GLY A 505 6.04 -20.29 -23.17
C GLY A 505 7.43 -20.31 -22.60
N ILE A 506 7.81 -19.33 -21.77
CA ILE A 506 9.12 -19.27 -21.15
C ILE A 506 8.94 -19.00 -19.66
N GLU A 507 9.69 -19.72 -18.83
CA GLU A 507 9.61 -19.59 -17.38
C GLU A 507 10.92 -19.04 -16.84
N TRP A 508 10.81 -18.29 -15.74
CA TRP A 508 11.97 -17.71 -15.09
C TRP A 508 11.75 -17.77 -13.58
N THR A 509 12.76 -18.21 -12.85
CA THR A 509 12.71 -18.31 -11.40
C THR A 509 11.48 -19.11 -10.96
N PHE A 510 11.49 -20.38 -11.32
CA PHE A 510 10.37 -21.27 -11.00
C PHE A 510 10.47 -21.78 -9.56
N ILE A 511 10.63 -20.85 -8.62
CA ILE A 511 10.67 -21.16 -7.20
C ILE A 511 9.55 -20.37 -6.52
N ASP A 512 8.71 -21.07 -5.77
CA ASP A 512 7.61 -20.41 -5.08
C ASP A 512 8.15 -19.56 -3.94
N PHE A 513 7.41 -18.50 -3.61
CA PHE A 513 7.81 -17.61 -2.53
C PHE A 513 7.24 -18.01 -1.18
N GLY A 514 6.48 -19.11 -1.11
CA GLY A 514 5.91 -19.52 0.17
C GLY A 514 6.98 -19.91 1.17
N MET A 515 7.94 -20.73 0.74
CA MET A 515 9.02 -21.13 1.65
C MET A 515 9.94 -19.95 1.98
N ASP A 516 9.90 -18.88 1.19
CA ASP A 516 10.58 -17.66 1.60
C ASP A 516 9.95 -17.04 2.83
N LEU A 517 8.73 -17.47 3.20
CA LEU A 517 8.04 -16.98 4.37
C LEU A 517 7.58 -18.10 5.30
N GLN A 518 7.68 -19.36 4.88
CA GLN A 518 7.09 -20.45 5.64
C GLN A 518 7.79 -20.68 6.99
N ALA A 519 8.99 -20.13 7.17
CA ALA A 519 9.71 -20.40 8.41
C ALA A 519 8.96 -19.87 9.63
N CYS A 520 8.45 -18.65 9.54
CA CYS A 520 7.73 -18.08 10.68
C CYS A 520 6.48 -18.90 10.98
N ILE A 521 5.74 -19.30 9.95
CA ILE A 521 4.55 -20.11 10.16
C ILE A 521 4.94 -21.43 10.82
N ASP A 522 6.04 -22.03 10.38
CA ASP A 522 6.48 -23.29 10.98
C ASP A 522 6.81 -23.11 12.45
N LEU A 523 7.50 -22.03 12.79
CA LEU A 523 7.79 -21.76 14.20
C LEU A 523 6.53 -21.49 14.99
N ILE A 524 5.49 -20.95 14.35
CA ILE A 524 4.31 -20.50 15.09
C ILE A 524 3.37 -21.67 15.35
N GLU A 525 2.94 -22.37 14.31
CA GLU A 525 1.79 -23.27 14.41
C GLU A 525 2.15 -24.74 14.46
N LYS A 526 3.21 -25.18 13.78
CA LYS A 526 3.46 -26.60 13.62
C LYS A 526 3.81 -27.24 14.97
N PRO A 527 3.68 -28.56 15.06
CA PRO A 527 3.92 -29.23 16.36
C PRO A 527 5.29 -28.91 16.90
N MET A 528 5.37 -28.80 18.22
CA MET A 528 6.54 -28.30 18.94
C MET A 528 6.81 -26.83 18.66
N GLY A 529 5.85 -26.14 18.05
CA GLY A 529 5.95 -24.71 17.86
C GLY A 529 5.57 -23.95 19.11
N ILE A 530 5.54 -22.62 18.97
CA ILE A 530 5.29 -21.77 20.13
C ILE A 530 3.90 -22.05 20.71
N MET A 531 2.88 -22.03 19.86
CA MET A 531 1.52 -22.27 20.35
C MET A 531 1.36 -23.70 20.84
N SER A 532 1.92 -24.67 20.12
CA SER A 532 1.82 -26.06 20.56
C SER A 532 2.49 -26.24 21.91
N ILE A 533 3.68 -25.64 22.09
CA ILE A 533 4.37 -25.76 23.36
C ILE A 533 3.55 -25.11 24.47
N LEU A 534 2.97 -23.93 24.20
CA LEU A 534 2.15 -23.27 25.21
C LEU A 534 0.96 -24.14 25.61
N GLU A 535 0.29 -24.72 24.62
CA GLU A 535 -0.83 -25.60 24.93
C GLU A 535 -0.37 -26.82 25.71
N GLU A 536 0.84 -27.30 25.44
CA GLU A 536 1.39 -28.39 26.25
C GLU A 536 1.56 -27.94 27.70
N GLU A 537 2.06 -26.72 27.92
CA GLU A 537 2.17 -26.21 29.28
C GLU A 537 0.81 -26.14 29.94
N CYS A 538 -0.22 -25.78 29.18
CA CYS A 538 -1.56 -25.62 29.76
C CYS A 538 -1.97 -26.84 30.56
N MET A 539 -1.74 -28.04 30.02
CA MET A 539 -2.17 -29.27 30.66
C MET A 539 -1.14 -29.85 31.62
N PHE A 540 0.07 -29.31 31.66
CA PHE A 540 1.04 -29.83 32.61
C PHE A 540 0.57 -29.56 34.03
N PRO A 541 0.82 -30.47 34.98
CA PRO A 541 0.32 -30.27 36.35
C PRO A 541 0.72 -28.92 36.94
N LYS A 542 2.03 -28.65 36.99
CA LYS A 542 2.56 -27.41 37.54
C LYS A 542 3.45 -26.76 36.48
N ALA A 543 2.86 -25.89 35.67
CA ALA A 543 3.57 -25.16 34.63
C ALA A 543 3.55 -23.67 34.95
N THR A 544 4.71 -23.04 34.89
CA THR A 544 4.84 -21.61 35.14
C THR A 544 5.53 -20.95 33.95
N ASP A 545 5.52 -19.62 33.96
CA ASP A 545 6.11 -18.87 32.85
C ASP A 545 7.61 -19.15 32.74
N MET A 546 8.29 -19.28 33.87
CA MET A 546 9.73 -19.58 33.82
C MET A 546 9.98 -20.91 33.13
N THR A 547 9.19 -21.93 33.47
CA THR A 547 9.31 -23.21 32.80
C THR A 547 8.99 -23.09 31.31
N PHE A 548 8.01 -22.26 30.97
CA PHE A 548 7.67 -22.06 29.56
C PHE A 548 8.86 -21.50 28.80
N LYS A 549 9.50 -20.47 29.35
CA LYS A 549 10.68 -19.90 28.69
C LYS A 549 11.80 -20.92 28.60
N ALA A 550 12.02 -21.68 29.68
CA ALA A 550 13.10 -22.67 29.66
C ALA A 550 12.87 -23.69 28.58
N LYS A 551 11.64 -24.21 28.46
CA LYS A 551 11.35 -25.20 27.44
C LYS A 551 11.47 -24.61 26.05
N LEU A 552 11.01 -23.37 25.86
CA LEU A 552 11.13 -22.72 24.56
C LEU A 552 12.60 -22.63 24.14
N PHE A 553 13.45 -22.17 25.06
CA PHE A 553 14.87 -22.07 24.75
C PHE A 553 15.47 -23.44 24.47
N ASP A 554 15.10 -24.44 25.27
CA ASP A 554 15.67 -25.78 25.10
C ASP A 554 15.30 -26.35 23.73
N ASN A 555 14.05 -26.17 23.31
CA ASN A 555 13.56 -26.81 22.09
C ASN A 555 13.79 -25.97 20.84
N HIS A 556 14.10 -24.69 20.96
CA HIS A 556 14.22 -23.83 19.79
C HIS A 556 15.46 -22.95 19.76
N LEU A 557 16.09 -22.65 20.90
CA LEU A 557 17.25 -21.78 20.88
C LEU A 557 18.37 -22.42 20.07
N GLY A 558 18.83 -21.71 19.05
CA GLY A 558 19.89 -22.21 18.20
C GLY A 558 19.41 -23.15 17.12
N LYS A 559 18.48 -24.04 17.48
CA LYS A 559 17.98 -25.01 16.51
C LYS A 559 17.26 -24.32 15.36
N SER A 560 16.46 -23.30 15.66
CA SER A 560 15.66 -22.60 14.66
C SER A 560 16.28 -21.24 14.37
N ALA A 561 16.42 -20.93 13.08
CA ALA A 561 17.04 -19.66 12.70
C ALA A 561 16.21 -18.47 13.15
N ASN A 562 14.88 -18.55 12.99
CA ASN A 562 14.04 -17.41 13.30
C ASN A 562 14.15 -17.01 14.76
N PHE A 563 14.10 -17.99 15.66
CA PHE A 563 14.18 -17.71 17.08
C PHE A 563 15.57 -17.16 17.43
N GLN A 564 15.61 -16.24 18.39
CA GLN A 564 16.87 -15.68 18.87
C GLN A 564 16.62 -14.99 20.20
N LYS A 565 17.72 -14.58 20.82
CA LYS A 565 17.64 -13.98 22.15
C LYS A 565 16.98 -12.61 22.09
N PRO A 566 16.42 -12.15 23.21
CA PRO A 566 15.82 -10.81 23.24
C PRO A 566 16.89 -9.72 23.20
N ARG A 567 16.44 -8.51 22.89
CA ARG A 567 17.31 -7.34 22.80
C ARG A 567 16.85 -6.28 23.79
N ASN A 568 17.82 -5.57 24.35
CA ASN A 568 17.57 -4.47 25.28
C ASN A 568 18.12 -3.19 24.67
N ILE A 569 17.23 -2.39 24.08
CA ILE A 569 17.61 -1.17 23.36
C ILE A 569 16.92 0.02 24.03
N LYS A 570 17.68 1.09 24.23
CA LYS A 570 17.16 2.35 24.79
C LYS A 570 16.20 2.11 25.96
N GLY A 571 16.45 1.07 26.74
CA GLY A 571 15.69 0.84 27.95
C GLY A 571 14.23 0.47 27.73
N LYS A 572 13.98 -0.53 26.88
CA LYS A 572 12.64 -1.08 26.79
C LYS A 572 12.25 -1.70 28.13
N PRO A 573 10.96 -1.77 28.44
CA PRO A 573 10.55 -2.32 29.75
C PRO A 573 11.14 -3.70 30.01
N GLU A 574 10.88 -4.64 29.10
CA GLU A 574 11.43 -5.98 29.22
C GLU A 574 11.08 -6.77 27.97
N ALA A 575 11.86 -7.82 27.73
CA ALA A 575 11.63 -8.73 26.63
C ALA A 575 12.12 -10.12 27.05
N HIS A 576 11.60 -11.14 26.38
CA HIS A 576 11.94 -12.52 26.74
C HIS A 576 12.46 -13.28 25.53
N PHE A 577 11.93 -13.01 24.35
CA PHE A 577 12.41 -13.64 23.13
C PHE A 577 11.97 -12.79 21.95
N SER A 578 12.44 -13.16 20.76
CA SER A 578 12.21 -12.37 19.56
C SER A 578 12.02 -13.29 18.36
N LEU A 579 11.36 -12.76 17.35
CA LEU A 579 11.11 -13.45 16.09
C LEU A 579 11.50 -12.55 14.93
N ILE A 580 11.75 -13.18 13.79
CA ILE A 580 12.10 -12.46 12.56
C ILE A 580 10.93 -12.57 11.59
N HIS A 581 10.03 -11.59 11.64
CA HIS A 581 8.87 -11.59 10.77
C HIS A 581 9.25 -11.01 9.41
N TYR A 582 8.28 -10.93 8.50
CA TYR A 582 8.53 -10.32 7.20
C TYR A 582 8.77 -8.82 7.29
N ALA A 583 8.48 -8.20 8.43
CA ALA A 583 8.70 -6.78 8.63
C ALA A 583 10.03 -6.50 9.32
N GLY A 584 10.32 -7.19 10.42
CA GLY A 584 11.56 -6.99 11.13
C GLY A 584 11.58 -7.80 12.40
N ILE A 585 12.64 -7.59 13.18
CA ILE A 585 12.79 -8.30 14.44
C ILE A 585 11.80 -7.74 15.44
N VAL A 586 10.99 -8.62 16.03
CA VAL A 586 9.96 -8.24 16.98
C VAL A 586 10.14 -9.04 18.25
N ASP A 587 10.19 -8.35 19.39
CA ASP A 587 10.37 -8.99 20.69
C ASP A 587 9.04 -9.04 21.42
N TYR A 588 8.81 -10.15 22.12
CA TYR A 588 7.57 -10.40 22.85
C TYR A 588 7.84 -10.50 24.34
N ASN A 589 6.77 -10.80 25.09
CA ASN A 589 6.84 -11.00 26.53
C ASN A 589 6.10 -12.28 26.88
N ILE A 590 6.38 -12.79 28.09
CA ILE A 590 5.84 -14.07 28.53
C ILE A 590 4.81 -13.90 29.63
N ILE A 591 5.05 -13.00 30.58
CA ILE A 591 4.25 -12.95 31.81
C ILE A 591 2.77 -12.89 31.46
N GLY A 592 1.99 -13.73 32.13
CA GLY A 592 0.54 -13.71 32.01
C GLY A 592 -0.04 -14.56 30.90
N TRP A 593 0.79 -15.15 30.04
CA TRP A 593 0.27 -15.89 28.89
C TRP A 593 -0.55 -17.09 29.34
N LEU A 594 -0.08 -17.83 30.34
CA LEU A 594 -0.82 -19.00 30.80
C LEU A 594 -2.21 -18.60 31.29
N GLN A 595 -2.30 -17.54 32.09
CA GLN A 595 -3.60 -17.08 32.56
C GLN A 595 -4.49 -16.60 31.42
N LYS A 596 -3.90 -16.17 30.31
CA LYS A 596 -4.64 -15.64 29.18
C LYS A 596 -4.99 -16.70 28.13
N ASN A 597 -4.45 -17.92 28.26
CA ASN A 597 -4.72 -18.97 27.29
C ASN A 597 -5.65 -20.06 27.80
N LYS A 598 -5.73 -20.27 29.11
CA LYS A 598 -6.61 -21.31 29.64
C LYS A 598 -8.05 -21.05 29.24
N ASP A 599 -8.72 -22.08 28.73
CA ASP A 599 -10.12 -21.99 28.32
C ASP A 599 -10.88 -23.24 28.77
N PRO A 600 -11.07 -23.41 30.08
CA PRO A 600 -11.90 -24.53 30.57
C PRO A 600 -13.38 -24.16 30.49
N LEU A 601 -14.11 -24.80 29.59
CA LEU A 601 -15.53 -24.54 29.39
C LEU A 601 -16.33 -25.57 30.15
N ASN A 602 -16.91 -25.16 31.28
CA ASN A 602 -17.76 -26.05 32.04
C ASN A 602 -19.01 -26.42 31.25
N GLU A 603 -19.48 -27.64 31.45
CA GLU A 603 -20.64 -28.15 30.70
C GLU A 603 -21.93 -28.13 31.49
N THR A 604 -21.88 -28.34 32.82
CA THR A 604 -23.11 -28.31 33.61
C THR A 604 -23.76 -26.93 33.54
N VAL A 605 -22.95 -25.87 33.61
CA VAL A 605 -23.51 -24.53 33.50
C VAL A 605 -24.03 -24.28 32.09
N VAL A 606 -23.44 -24.94 31.09
CA VAL A 606 -24.00 -24.86 29.74
C VAL A 606 -25.40 -25.45 29.72
N GLY A 607 -25.59 -26.58 30.39
CA GLY A 607 -26.93 -27.13 30.53
C GLY A 607 -27.87 -26.19 31.25
N LEU A 608 -27.39 -25.54 32.31
CA LEU A 608 -28.22 -24.59 33.03
C LEU A 608 -28.66 -23.45 32.12
N TYR A 609 -27.75 -22.92 31.32
CA TYR A 609 -28.13 -21.90 30.34
C TYR A 609 -29.16 -22.44 29.37
N GLN A 610 -28.96 -23.65 28.87
CA GLN A 610 -29.92 -24.25 27.94
C GLN A 610 -31.26 -24.54 28.61
N LYS A 611 -31.32 -24.50 29.94
CA LYS A 611 -32.56 -24.67 30.69
C LYS A 611 -33.02 -23.34 31.29
N SER A 612 -32.81 -22.25 30.55
CA SER A 612 -33.09 -20.90 31.03
C SER A 612 -34.25 -20.30 30.26
N SER A 613 -35.05 -19.50 30.97
CA SER A 613 -36.19 -18.80 30.37
C SER A 613 -35.73 -17.41 29.91
N LEU A 614 -35.00 -17.42 28.79
CA LEU A 614 -34.41 -16.20 28.25
C LEU A 614 -33.89 -16.53 26.86
N LYS A 615 -33.28 -15.52 26.20
CA LYS A 615 -32.69 -15.73 24.89
C LYS A 615 -31.53 -16.72 24.90
N LEU A 616 -31.00 -17.06 26.08
CA LEU A 616 -29.87 -17.98 26.13
C LEU A 616 -30.16 -19.31 25.46
N LEU A 617 -31.44 -19.69 25.37
CA LEU A 617 -31.78 -20.94 24.68
C LEU A 617 -31.30 -20.88 23.23
N SER A 618 -31.50 -19.75 22.56
CA SER A 618 -30.97 -19.59 21.21
C SER A 618 -29.45 -19.47 21.20
N THR A 619 -28.86 -19.00 22.29
CA THR A 619 -27.40 -18.84 22.34
C THR A 619 -26.71 -20.20 22.26
N LEU A 620 -27.22 -21.19 22.99
CA LEU A 620 -26.60 -22.51 23.06
C LEU A 620 -27.49 -23.56 22.41
N THR A 646 -8.61 -24.36 24.24
CA THR A 646 -7.71 -23.26 24.52
C THR A 646 -7.93 -22.16 23.49
N VAL A 647 -7.57 -20.93 23.88
CA VAL A 647 -7.80 -19.79 23.00
C VAL A 647 -6.99 -19.93 21.72
N SER A 648 -5.74 -20.39 21.84
CA SER A 648 -4.89 -20.50 20.66
C SER A 648 -5.46 -21.48 19.65
N ALA A 649 -5.97 -22.62 20.12
CA ALA A 649 -6.52 -23.62 19.19
C ALA A 649 -7.74 -23.08 18.47
N LEU A 650 -8.66 -22.43 19.19
CA LEU A 650 -9.83 -21.86 18.55
C LEU A 650 -9.44 -20.78 17.55
N HIS A 651 -8.45 -19.95 17.90
CA HIS A 651 -7.97 -18.94 16.97
C HIS A 651 -7.40 -19.59 15.72
N ARG A 652 -6.63 -20.67 15.88
CA ARG A 652 -6.07 -21.36 14.73
C ARG A 652 -7.16 -21.91 13.84
N GLU A 653 -8.19 -22.52 14.45
CA GLU A 653 -9.29 -23.06 13.65
C GLU A 653 -10.02 -21.96 12.90
N ASN A 654 -10.29 -20.84 13.56
CA ASN A 654 -10.95 -19.73 12.89
C ASN A 654 -10.10 -19.20 11.75
N LEU A 655 -8.80 -19.08 11.98
CA LEU A 655 -7.91 -18.59 10.92
C LEU A 655 -7.90 -19.54 9.73
N ASN A 656 -7.83 -20.84 9.99
CA ASN A 656 -7.85 -21.80 8.90
C ASN A 656 -9.16 -21.76 8.14
N LYS A 657 -10.28 -21.60 8.85
CA LYS A 657 -11.55 -21.42 8.18
C LYS A 657 -11.52 -20.19 7.28
N LEU A 658 -10.95 -19.10 7.78
CA LEU A 658 -10.86 -17.88 6.99
C LEU A 658 -10.03 -18.10 5.73
N MET A 659 -8.89 -18.77 5.87
CA MET A 659 -8.02 -18.99 4.71
C MET A 659 -8.69 -19.92 3.70
N THR A 660 -9.34 -20.98 4.16
CA THR A 660 -9.99 -21.88 3.21
C THR A 660 -11.19 -21.22 2.53
N ASN A 661 -11.85 -20.28 3.22
CA ASN A 661 -12.89 -19.51 2.55
C ASN A 661 -12.30 -18.55 1.52
N LEU A 662 -11.17 -17.93 1.86
CA LEU A 662 -10.56 -16.93 0.98
C LEU A 662 -9.97 -17.57 -0.27
N ARG A 663 -9.37 -18.75 -0.13
CA ARG A 663 -8.69 -19.37 -1.27
C ARG A 663 -9.62 -19.55 -2.46
N SER A 664 -10.91 -19.71 -2.21
CA SER A 664 -11.87 -19.92 -3.30
C SER A 664 -12.10 -18.66 -4.13
N THR A 665 -11.61 -17.51 -3.70
CA THR A 665 -11.88 -16.24 -4.36
C THR A 665 -10.58 -15.63 -4.88
N HIS A 666 -10.69 -14.87 -5.97
CA HIS A 666 -9.56 -14.15 -6.53
C HIS A 666 -9.32 -12.89 -5.69
N PRO A 667 -8.11 -12.70 -5.16
CA PRO A 667 -7.92 -11.62 -4.18
C PRO A 667 -7.67 -10.27 -4.86
N HIS A 668 -7.81 -9.22 -4.05
CA HIS A 668 -7.44 -7.86 -4.43
C HIS A 668 -7.00 -7.15 -3.16
N PHE A 669 -5.91 -6.39 -3.26
CA PHE A 669 -5.20 -5.89 -2.09
C PHE A 669 -5.21 -4.38 -2.04
N VAL A 670 -5.42 -3.84 -0.84
CA VAL A 670 -5.37 -2.39 -0.58
C VAL A 670 -4.55 -2.17 0.68
N ARG A 671 -3.95 -0.99 0.78
CA ARG A 671 -3.12 -0.65 1.93
C ARG A 671 -3.46 0.76 2.40
N CYS A 672 -3.67 0.90 3.71
CA CYS A 672 -4.01 2.18 4.33
C CYS A 672 -2.99 2.49 5.40
N ILE A 673 -2.49 3.73 5.41
CA ILE A 673 -1.47 4.16 6.36
C ILE A 673 -1.83 5.54 6.89
N ILE A 674 -1.82 5.69 8.21
CA ILE A 674 -2.03 6.98 8.86
C ILE A 674 -0.83 7.88 8.57
N PRO A 675 -1.03 9.19 8.37
CA PRO A 675 0.11 10.07 8.13
C PRO A 675 0.85 10.46 9.39
N ASN A 676 0.13 10.64 10.50
CA ASN A 676 0.76 11.10 11.73
C ASN A 676 -0.11 10.70 12.91
N GLU A 677 0.50 10.74 14.11
CA GLU A 677 -0.25 10.49 15.33
C GLU A 677 -1.28 11.58 15.58
N THR A 678 -0.85 12.84 15.49
CA THR A 678 -1.77 13.96 15.66
C THR A 678 -2.70 14.06 14.46
N LYS A 679 -3.87 14.63 14.68
CA LYS A 679 -4.87 14.74 13.61
C LYS A 679 -4.55 15.85 12.62
N SER A 680 -3.38 16.46 12.64
CA SER A 680 -3.04 17.45 11.61
C SER A 680 -2.91 16.74 10.27
N PRO A 681 -3.66 17.15 9.25
CA PRO A 681 -3.64 16.38 8.00
C PRO A 681 -2.35 16.56 7.20
N GLY A 682 -1.85 17.79 7.07
CA GLY A 682 -0.72 18.02 6.18
C GLY A 682 0.54 17.31 6.63
N VAL A 683 0.87 17.41 7.91
CA VAL A 683 2.15 16.92 8.41
C VAL A 683 2.09 15.41 8.58
N MET A 684 3.24 14.77 8.40
CA MET A 684 3.36 13.32 8.55
C MET A 684 4.75 12.99 9.07
N ASP A 685 4.81 12.02 9.99
CA ASP A 685 6.06 11.64 10.62
C ASP A 685 6.77 10.58 9.80
N ASN A 686 8.01 10.87 9.40
CA ASN A 686 8.74 9.94 8.54
C ASN A 686 8.99 8.59 9.21
N PRO A 687 9.50 8.53 10.45
CA PRO A 687 9.68 7.20 11.07
C PRO A 687 8.41 6.38 11.14
N LEU A 688 7.29 7.00 11.48
CA LEU A 688 6.04 6.25 11.56
C LEU A 688 5.63 5.70 10.20
N VAL A 689 5.71 6.53 9.17
CA VAL A 689 5.31 6.08 7.84
C VAL A 689 6.23 4.96 7.36
N MET A 690 7.54 5.08 7.63
CA MET A 690 8.46 4.03 7.21
C MET A 690 8.19 2.73 7.97
N HIS A 691 7.91 2.83 9.26
CA HIS A 691 7.58 1.63 10.03
C HIS A 691 6.33 0.96 9.48
N GLN A 692 5.30 1.74 9.17
CA GLN A 692 4.08 1.15 8.61
C GLN A 692 4.33 0.58 7.23
N LEU A 693 5.19 1.22 6.43
CA LEU A 693 5.52 0.68 5.11
C LEU A 693 6.23 -0.65 5.23
N ARG A 694 7.16 -0.77 6.19
CA ARG A 694 7.81 -2.05 6.44
C ARG A 694 6.80 -3.09 6.89
N CYS A 695 5.88 -2.71 7.79
CA CYS A 695 4.89 -3.64 8.29
C CYS A 695 3.98 -4.15 7.18
N ASN A 696 3.53 -3.28 6.30
CA ASN A 696 2.59 -3.65 5.26
C ASN A 696 3.23 -4.41 4.11
N GLY A 697 4.56 -4.45 4.05
CA GLY A 697 5.24 -5.25 3.05
C GLY A 697 4.99 -4.81 1.63
N VAL A 698 4.91 -3.51 1.38
CA VAL A 698 4.85 -3.02 0.00
C VAL A 698 6.20 -3.22 -0.69
N LEU A 699 7.28 -2.90 0.02
CA LEU A 699 8.62 -3.01 -0.56
C LEU A 699 8.94 -4.45 -0.94
N GLU A 700 8.63 -5.40 -0.06
CA GLU A 700 8.92 -6.80 -0.37
C GLU A 700 8.09 -7.27 -1.57
N GLY A 701 6.83 -6.84 -1.65
CA GLY A 701 6.01 -7.23 -2.79
C GLY A 701 6.57 -6.70 -4.10
N ILE A 702 6.95 -5.43 -4.12
CA ILE A 702 7.49 -4.87 -5.36
C ILE A 702 8.84 -5.51 -5.69
N ARG A 703 9.64 -5.84 -4.68
CA ARG A 703 10.89 -6.54 -4.94
C ARG A 703 10.64 -7.91 -5.54
N ILE A 704 9.65 -8.64 -5.01
CA ILE A 704 9.31 -9.94 -5.56
C ILE A 704 8.87 -9.81 -7.01
N CYS A 705 8.06 -8.78 -7.30
CA CYS A 705 7.69 -8.52 -8.69
C CYS A 705 8.93 -8.27 -9.54
N ARG A 706 9.87 -7.47 -9.03
CA ARG A 706 11.08 -7.14 -9.78
C ARG A 706 12.00 -8.33 -9.96
N LYS A 707 11.85 -9.38 -9.15
CA LYS A 707 12.77 -10.51 -9.23
C LYS A 707 12.77 -11.12 -10.62
N GLY A 708 11.59 -11.24 -11.24
CA GLY A 708 11.49 -11.77 -12.58
C GLY A 708 11.79 -10.73 -13.64
N PHE A 709 10.96 -10.67 -14.67
CA PHE A 709 11.10 -9.72 -15.78
C PHE A 709 9.79 -8.94 -15.87
N PRO A 710 9.58 -7.95 -15.00
CA PRO A 710 8.27 -7.26 -15.00
C PRO A 710 7.95 -6.55 -16.30
N ASN A 711 8.96 -6.00 -16.96
CA ASN A 711 8.74 -5.19 -18.16
C ASN A 711 8.44 -6.11 -19.33
N ARG A 712 7.19 -6.12 -19.78
CA ARG A 712 6.75 -6.92 -20.90
C ARG A 712 6.09 -5.99 -21.90
N ILE A 713 6.62 -5.96 -23.13
CA ILE A 713 6.13 -5.03 -24.15
C ILE A 713 5.83 -5.80 -25.43
N LEU A 714 4.69 -5.50 -26.04
CA LEU A 714 4.33 -6.16 -27.29
C LEU A 714 5.42 -5.96 -28.33
N TYR A 715 5.74 -7.04 -29.05
CA TYR A 715 6.82 -6.98 -30.03
C TYR A 715 6.52 -5.94 -31.10
N GLY A 716 5.29 -5.95 -31.62
CA GLY A 716 4.94 -4.98 -32.64
C GLY A 716 4.99 -3.55 -32.13
N ASP A 717 4.47 -3.33 -30.92
CA ASP A 717 4.49 -1.98 -30.34
C ASP A 717 5.92 -1.50 -30.14
N PHE A 718 6.77 -2.36 -29.59
CA PHE A 718 8.17 -1.98 -29.40
C PHE A 718 8.82 -1.66 -30.74
N ARG A 719 8.60 -2.51 -31.75
CA ARG A 719 9.19 -2.29 -33.06
C ARG A 719 8.74 -0.96 -33.66
N GLN A 720 7.46 -0.63 -33.49
CA GLN A 720 6.91 0.57 -34.09
C GLN A 720 7.18 1.84 -33.27
N ARG A 721 7.61 1.70 -32.02
CA ARG A 721 7.81 2.85 -31.15
C ARG A 721 9.27 3.14 -30.87
N TYR A 722 10.02 2.16 -30.36
CA TYR A 722 11.39 2.39 -29.90
C TYR A 722 12.43 2.16 -31.00
N ARG A 723 12.01 2.05 -32.26
CA ARG A 723 12.97 1.93 -33.35
C ARG A 723 13.73 3.24 -33.59
N ILE A 724 13.30 4.35 -32.97
CA ILE A 724 14.01 5.60 -33.12
C ILE A 724 15.44 5.48 -32.63
N LEU A 725 15.69 4.60 -31.66
CA LEU A 725 17.02 4.47 -31.10
C LEU A 725 18.04 4.01 -32.14
N ASN A 726 17.67 3.02 -32.96
CA ASN A 726 18.56 2.46 -33.96
C ASN A 726 17.82 2.42 -35.30
N PRO A 727 17.69 3.57 -35.96
CA PRO A 727 17.03 3.57 -37.27
C PRO A 727 17.95 3.01 -38.35
N ALA A 728 17.44 2.03 -39.08
CA ALA A 728 18.21 1.39 -40.15
C ALA A 728 18.26 2.28 -41.38
N SER A 738 7.10 -6.95 -38.38
CA SER A 738 7.58 -6.14 -37.26
C SER A 738 8.31 -7.00 -36.23
N ARG A 739 8.67 -8.22 -36.63
CA ARG A 739 9.38 -9.15 -35.76
C ARG A 739 10.85 -9.31 -36.16
N LYS A 740 11.12 -9.54 -37.45
CA LYS A 740 12.51 -9.67 -37.89
C LYS A 740 13.29 -8.40 -37.63
N GLY A 741 12.69 -7.25 -37.93
CA GLY A 741 13.35 -5.99 -37.64
C GLY A 741 13.53 -5.76 -36.15
N ALA A 742 12.54 -6.15 -35.36
CA ALA A 742 12.64 -6.00 -33.91
C ALA A 742 13.83 -6.78 -33.36
N GLU A 743 13.93 -8.06 -33.72
CA GLU A 743 15.04 -8.88 -33.23
C GLU A 743 16.37 -8.39 -33.79
N LYS A 744 16.39 -7.96 -35.05
CA LYS A 744 17.63 -7.43 -35.62
C LYS A 744 18.11 -6.23 -34.83
N LEU A 745 17.22 -5.26 -34.58
CA LEU A 745 17.60 -4.08 -33.82
C LEU A 745 18.03 -4.46 -32.41
N LEU A 746 17.30 -5.37 -31.77
CA LEU A 746 17.64 -5.77 -30.41
C LEU A 746 19.03 -6.39 -30.35
N SER A 747 19.36 -7.25 -31.32
CA SER A 747 20.70 -7.82 -31.38
C SER A 747 21.76 -6.76 -31.65
N SER A 748 21.44 -5.77 -32.49
CA SER A 748 22.40 -4.75 -32.88
C SER A 748 22.47 -3.59 -31.89
N LEU A 749 21.70 -3.63 -30.80
CA LEU A 749 21.75 -2.59 -29.79
C LEU A 749 23.08 -2.53 -29.07
N ASP A 750 23.94 -3.55 -29.21
CA ASP A 750 25.26 -3.56 -28.60
C ASP A 750 25.16 -3.57 -27.08
N ILE A 751 24.28 -4.43 -26.55
CA ILE A 751 24.10 -4.61 -25.11
C ILE A 751 24.12 -6.10 -24.82
N ASP A 752 24.59 -6.46 -23.63
CA ASP A 752 24.65 -7.86 -23.23
C ASP A 752 23.25 -8.48 -23.32
N HIS A 753 23.18 -9.66 -23.93
CA HIS A 753 21.89 -10.30 -24.17
C HIS A 753 21.38 -11.09 -22.98
N ASN A 754 22.16 -11.19 -21.90
CA ASN A 754 21.68 -11.85 -20.70
C ASN A 754 20.63 -11.01 -19.97
N GLN A 755 20.64 -9.69 -20.16
CA GLN A 755 19.70 -8.83 -19.46
C GLN A 755 18.28 -9.05 -19.98
N TYR A 756 18.11 -9.08 -21.29
CA TYR A 756 16.79 -9.21 -21.90
C TYR A 756 16.54 -10.65 -22.36
N LYS A 757 15.28 -11.04 -22.35
CA LYS A 757 14.84 -12.34 -22.84
C LYS A 757 14.00 -12.16 -24.09
N PHE A 758 14.27 -12.98 -25.09
CA PHE A 758 13.58 -12.90 -26.38
C PHE A 758 12.34 -13.79 -26.35
N GLY A 759 11.17 -13.17 -26.46
CA GLY A 759 9.92 -13.88 -26.51
C GLY A 759 9.35 -13.93 -27.92
N HIS A 760 8.04 -14.18 -27.99
CA HIS A 760 7.33 -14.21 -29.25
C HIS A 760 6.22 -13.18 -29.37
N THR A 761 5.44 -12.97 -28.31
CA THR A 761 4.40 -11.95 -28.29
C THR A 761 4.78 -10.73 -27.47
N LYS A 762 5.47 -10.93 -26.34
CA LYS A 762 5.94 -9.83 -25.50
C LYS A 762 7.42 -10.02 -25.23
N VAL A 763 8.20 -8.98 -25.53
CA VAL A 763 9.61 -8.95 -25.15
C VAL A 763 9.71 -8.64 -23.67
N PHE A 764 10.62 -9.35 -22.99
CA PHE A 764 10.83 -9.25 -21.55
C PHE A 764 12.22 -8.71 -21.30
N PHE A 765 12.38 -7.94 -20.23
CA PHE A 765 13.71 -7.53 -19.79
C PHE A 765 13.60 -6.85 -18.43
N LYS A 766 14.75 -6.71 -17.77
CA LYS A 766 14.82 -6.11 -16.45
C LYS A 766 14.81 -4.59 -16.56
N ALA A 767 14.38 -3.93 -15.47
CA ALA A 767 14.30 -2.48 -15.46
C ALA A 767 15.64 -1.81 -15.73
N GLY A 768 16.73 -2.46 -15.36
CA GLY A 768 18.04 -1.87 -15.62
C GLY A 768 18.28 -1.67 -17.11
N LEU A 769 17.93 -2.68 -17.92
CA LEU A 769 18.03 -2.53 -19.37
C LEU A 769 17.06 -1.48 -19.89
N LEU A 770 15.85 -1.43 -19.35
CA LEU A 770 14.86 -0.47 -19.83
C LEU A 770 15.33 0.97 -19.60
N GLY A 771 15.88 1.25 -18.42
CA GLY A 771 16.36 2.60 -18.15
C GLY A 771 17.50 3.00 -19.06
N LEU A 772 18.46 2.09 -19.26
CA LEU A 772 19.56 2.37 -20.17
C LEU A 772 19.06 2.63 -21.58
N LEU A 773 18.12 1.80 -22.05
CA LEU A 773 17.56 2.00 -23.38
C LEU A 773 16.87 3.36 -23.48
N GLU A 774 16.10 3.73 -22.46
CA GLU A 774 15.39 5.00 -22.50
C GLU A 774 16.35 6.18 -22.53
N GLU A 775 17.39 6.14 -21.68
CA GLU A 775 18.32 7.27 -21.63
C GLU A 775 19.13 7.37 -22.92
N MET A 776 19.53 6.24 -23.50
CA MET A 776 20.29 6.31 -24.75
C MET A 776 19.39 6.75 -25.90
N ARG A 777 18.10 6.38 -25.87
CA ARG A 777 17.16 6.93 -26.83
C ARG A 777 17.02 8.44 -26.65
N ASP A 778 17.00 8.91 -25.41
CA ASP A 778 16.88 10.34 -25.15
C ASP A 778 18.08 11.10 -25.72
N GLU A 779 19.28 10.58 -25.47
CA GLU A 779 20.46 11.27 -26.00
C GLU A 779 20.52 11.18 -27.52
N ARG A 780 20.09 10.05 -28.10
CA ARG A 780 20.07 9.94 -29.56
C ARG A 780 19.09 10.93 -30.18
N LEU A 781 17.90 11.08 -29.60
CA LEU A 781 16.95 12.04 -30.14
C LEU A 781 17.41 13.47 -29.91
N SER A 782 18.14 13.72 -28.81
CA SER A 782 18.76 15.02 -28.63
C SER A 782 19.77 15.30 -29.74
N ARG A 783 20.58 14.29 -30.09
CA ARG A 783 21.52 14.45 -31.20
C ARG A 783 20.79 14.71 -32.52
N ILE A 784 19.68 14.01 -32.74
CA ILE A 784 18.89 14.23 -33.95
C ILE A 784 18.35 15.66 -33.98
N ILE A 785 17.88 16.16 -32.84
CA ILE A 785 17.39 17.53 -32.77
C ILE A 785 18.51 18.51 -33.07
N THR A 786 19.71 18.25 -32.54
CA THR A 786 20.85 19.11 -32.82
C THR A 786 21.17 19.11 -34.32
N ARG A 787 21.11 17.94 -34.94
CA ARG A 787 21.33 17.86 -36.39
C ARG A 787 20.27 18.65 -37.14
N ILE A 788 19.02 18.59 -36.68
CA ILE A 788 17.96 19.37 -37.31
C ILE A 788 18.25 20.86 -37.20
N GLN A 789 18.71 21.30 -36.02
CA GLN A 789 19.09 22.70 -35.86
C GLN A 789 20.24 23.08 -36.78
N ALA A 790 21.21 22.18 -36.93
CA ALA A 790 22.31 22.45 -37.85
C ALA A 790 21.81 22.58 -39.29
N GLN A 791 20.87 21.73 -39.69
CA GLN A 791 20.29 21.84 -41.02
C GLN A 791 19.55 23.16 -41.19
N SER A 792 18.78 23.56 -40.18
CA SER A 792 18.05 24.83 -40.26
C SER A 792 19.02 26.00 -40.39
N ARG A 793 20.12 25.96 -39.64
CA ARG A 793 21.16 26.97 -39.81
C ARG A 793 21.74 26.93 -41.22
N GLY A 794 21.90 25.73 -41.77
CA GLY A 794 22.36 25.62 -43.14
C GLY A 794 21.40 26.29 -44.12
N VAL A 795 20.10 26.21 -43.84
CA VAL A 795 19.11 26.86 -44.70
C VAL A 795 19.36 28.36 -44.75
N LEU A 796 19.70 28.96 -43.60
CA LEU A 796 19.98 30.38 -43.52
C LEU A 796 20.99 30.81 -44.58
N LYS B 43 42.31 23.07 -57.74
CA LYS B 43 42.50 24.50 -57.52
C LYS B 43 41.26 25.28 -57.94
N GLU B 44 40.48 24.70 -58.85
CA GLU B 44 39.26 25.37 -59.31
C GLU B 44 38.27 25.54 -58.16
N GLN B 45 38.17 24.54 -57.29
CA GLN B 45 37.30 24.68 -56.12
C GLN B 45 37.77 25.81 -55.21
N GLN B 46 39.09 25.93 -55.02
CA GLN B 46 39.61 27.06 -54.27
C GLN B 46 39.31 28.38 -54.96
N GLU B 47 39.38 28.40 -56.30
CA GLU B 47 39.03 29.61 -57.04
C GLU B 47 37.58 29.99 -56.80
N ASP B 48 36.67 29.01 -56.82
CA ASP B 48 35.27 29.29 -56.53
C ASP B 48 35.09 29.79 -55.10
N PHE B 49 35.82 29.18 -54.15
CA PHE B 49 35.73 29.61 -52.76
C PHE B 49 36.13 31.07 -52.63
N LYS B 50 37.25 31.47 -53.23
CA LYS B 50 37.70 32.84 -53.11
C LYS B 50 36.79 33.80 -53.87
N GLU B 51 36.24 33.36 -55.01
CA GLU B 51 35.29 34.21 -55.73
C GLU B 51 34.05 34.47 -54.89
N ALA B 52 33.53 33.44 -54.23
CA ALA B 52 32.40 33.63 -53.33
C ALA B 52 32.78 34.52 -52.15
N PHE B 53 33.99 34.33 -51.62
CA PHE B 53 34.44 35.14 -50.49
C PHE B 53 34.48 36.61 -50.85
N LEU B 54 35.07 36.95 -52.01
CA LEU B 54 35.12 38.35 -52.42
C LEU B 54 33.75 38.87 -52.84
N LEU B 55 32.90 38.01 -53.39
CA LEU B 55 31.54 38.42 -53.71
C LEU B 55 30.77 38.79 -52.45
N PHE B 56 30.94 38.01 -51.39
CA PHE B 56 30.31 38.29 -50.11
C PHE B 56 31.02 39.39 -49.33
N ASP B 57 32.20 39.81 -49.78
CA ASP B 57 32.94 40.87 -49.11
C ASP B 57 32.40 42.22 -49.54
N ARG B 58 31.85 42.97 -48.58
CA ARG B 58 31.29 44.28 -48.85
C ARG B 58 32.33 45.40 -48.75
N THR B 59 33.55 45.09 -48.34
CA THR B 59 34.62 46.07 -48.22
C THR B 59 35.72 45.91 -49.26
N GLY B 60 35.76 44.78 -49.96
CA GLY B 60 36.77 44.55 -50.98
C GLY B 60 38.10 44.06 -50.46
N GLU B 61 38.24 43.83 -49.17
CA GLU B 61 39.49 43.38 -48.57
C GLU B 61 39.53 41.88 -48.31
N CYS B 62 38.57 41.13 -48.85
CA CYS B 62 38.49 39.69 -48.63
C CYS B 62 38.46 39.39 -47.13
N LYS B 63 37.69 40.18 -46.40
CA LYS B 63 37.57 40.06 -44.96
C LYS B 63 36.10 39.90 -44.59
N ILE B 64 35.81 39.07 -43.59
CA ILE B 64 34.46 38.84 -43.12
C ILE B 64 34.45 38.82 -41.60
N THR B 65 33.25 38.87 -41.04
CA THR B 65 33.06 38.78 -39.61
C THR B 65 32.79 37.32 -39.20
N LEU B 66 32.89 37.07 -37.90
CA LEU B 66 32.66 35.72 -37.40
C LEU B 66 31.18 35.33 -37.49
N SER B 67 30.28 36.31 -37.33
CA SER B 67 28.86 36.01 -37.37
C SER B 67 28.41 35.45 -38.73
N GLN B 68 29.09 35.82 -39.81
CA GLN B 68 28.72 35.38 -41.14
C GLN B 68 29.60 34.25 -41.69
N VAL B 69 30.60 33.82 -40.93
CA VAL B 69 31.46 32.74 -41.41
C VAL B 69 30.65 31.45 -41.55
N GLY B 70 29.79 31.15 -40.57
CA GLY B 70 28.95 29.97 -40.67
C GLY B 70 28.02 30.03 -41.86
N ASP B 71 27.44 31.20 -42.12
CA ASP B 71 26.55 31.36 -43.27
C ASP B 71 27.31 31.13 -44.57
N VAL B 72 28.53 31.64 -44.68
CA VAL B 72 29.33 31.41 -45.88
C VAL B 72 29.63 29.93 -46.04
N LEU B 73 30.06 29.28 -44.96
CA LEU B 73 30.38 27.86 -45.04
C LEU B 73 29.16 27.06 -45.46
N ARG B 74 27.98 27.40 -44.94
CA ARG B 74 26.77 26.66 -45.27
C ARG B 74 26.33 26.93 -46.70
N ALA B 75 26.49 28.18 -47.17
CA ALA B 75 26.18 28.47 -48.57
C ALA B 75 27.17 27.80 -49.51
N LEU B 76 28.34 27.42 -49.03
CA LEU B 76 29.32 26.70 -49.84
C LEU B 76 29.13 25.19 -49.79
N GLY B 77 28.15 24.68 -49.05
CA GLY B 77 27.84 23.26 -49.08
C GLY B 77 28.06 22.52 -47.78
N THR B 78 27.86 23.18 -46.64
CA THR B 78 28.04 22.57 -45.34
C THR B 78 26.81 22.80 -44.48
N ASN B 79 26.64 21.92 -43.49
CA ASN B 79 25.57 22.05 -42.50
C ASN B 79 26.14 21.77 -41.12
N PRO B 80 27.02 22.65 -40.63
CA PRO B 80 27.64 22.43 -39.32
C PRO B 80 26.81 23.00 -38.18
N THR B 81 27.08 22.48 -36.98
CA THR B 81 26.44 22.96 -35.76
C THR B 81 27.27 24.08 -35.17
N ASN B 82 26.70 24.80 -34.19
CA ASN B 82 27.43 25.89 -33.54
C ASN B 82 28.73 25.39 -32.93
N ALA B 83 28.76 24.14 -32.47
CA ALA B 83 30.01 23.60 -31.91
C ALA B 83 31.10 23.58 -32.96
N GLU B 84 30.78 23.16 -34.18
CA GLU B 84 31.79 23.08 -35.23
C GLU B 84 32.31 24.45 -35.62
N VAL B 85 31.42 25.45 -35.72
CA VAL B 85 31.86 26.78 -36.11
C VAL B 85 32.56 27.52 -34.97
N LYS B 86 32.33 27.11 -33.72
CA LYS B 86 33.04 27.73 -32.60
C LYS B 86 34.41 27.09 -32.38
N LYS B 87 34.51 25.76 -32.53
CA LYS B 87 35.78 25.09 -32.30
C LYS B 87 36.81 25.47 -33.35
N VAL B 88 36.38 25.66 -34.60
CA VAL B 88 37.33 26.09 -35.63
C VAL B 88 37.91 27.46 -35.29
N LEU B 89 37.12 28.32 -34.65
CA LEU B 89 37.59 29.62 -34.19
C LEU B 89 38.21 29.57 -32.80
N GLY B 90 38.28 28.39 -32.18
CA GLY B 90 38.84 28.27 -30.85
C GLY B 90 37.87 28.56 -29.73
N ASN B 91 36.57 28.49 -29.99
CA ASN B 91 35.56 28.75 -28.97
C ASN B 91 35.73 30.14 -28.39
N PRO B 92 35.62 31.19 -29.18
CA PRO B 92 35.77 32.55 -28.66
C PRO B 92 34.55 32.97 -27.86
N SER B 93 34.74 34.04 -27.08
CA SER B 93 33.66 34.58 -26.26
C SER B 93 32.76 35.48 -27.10
N ASN B 94 31.67 35.95 -26.49
CA ASN B 94 30.72 36.79 -27.21
C ASN B 94 31.37 38.09 -27.66
N GLU B 95 32.15 38.72 -26.78
CA GLU B 95 32.81 39.97 -27.15
C GLU B 95 33.78 39.76 -28.30
N GLU B 96 34.55 38.66 -28.27
CA GLU B 96 35.45 38.36 -29.38
C GLU B 96 34.67 37.87 -30.60
N MET B 97 33.47 37.33 -30.40
CA MET B 97 32.67 36.86 -31.53
C MET B 97 32.32 38.00 -32.47
N ASN B 98 31.93 39.15 -31.92
CA ASN B 98 31.51 40.30 -32.71
C ASN B 98 32.62 41.32 -32.92
N ALA B 99 33.84 41.04 -32.47
CA ALA B 99 34.95 42.00 -32.54
C ALA B 99 35.95 41.64 -33.63
N LYS B 100 36.46 40.42 -33.62
CA LYS B 100 37.52 40.04 -34.55
C LYS B 100 36.96 39.83 -35.95
N LYS B 101 37.86 39.89 -36.93
CA LYS B 101 37.53 39.66 -38.33
C LYS B 101 38.51 38.66 -38.91
N ILE B 102 38.03 37.85 -39.86
CA ILE B 102 38.82 36.77 -40.44
C ILE B 102 38.88 36.96 -41.95
N GLU B 103 40.07 36.77 -42.52
CA GLU B 103 40.29 36.90 -43.95
C GLU B 103 40.10 35.55 -44.65
N PHE B 104 40.09 35.59 -45.98
CA PHE B 104 39.98 34.34 -46.73
C PHE B 104 41.18 33.44 -46.49
N GLU B 105 42.37 34.02 -46.34
CA GLU B 105 43.55 33.21 -46.07
C GLU B 105 43.41 32.45 -44.76
N GLN B 106 42.90 33.13 -43.72
CA GLN B 106 42.66 32.47 -42.45
C GLN B 106 41.40 31.61 -42.47
N PHE B 107 40.51 31.83 -43.43
CA PHE B 107 39.32 31.01 -43.58
C PHE B 107 39.58 29.70 -44.32
N LEU B 108 40.63 29.65 -45.15
CA LEU B 108 40.91 28.44 -45.92
C LEU B 108 41.03 27.21 -45.05
N PRO B 109 41.79 27.22 -43.96
CA PRO B 109 41.84 26.01 -43.10
C PRO B 109 40.48 25.59 -42.58
N MET B 110 39.60 26.54 -42.28
CA MET B 110 38.28 26.18 -41.76
C MET B 110 37.50 25.33 -42.74
N MET B 111 37.38 25.80 -44.00
CA MET B 111 36.66 25.02 -44.99
C MET B 111 37.41 23.74 -45.35
N GLN B 112 38.74 23.79 -45.35
CA GLN B 112 39.51 22.59 -45.64
C GLN B 112 39.23 21.49 -44.63
N ALA B 113 39.14 21.86 -43.34
CA ALA B 113 38.83 20.88 -42.31
C ALA B 113 37.36 20.47 -42.32
N ILE B 114 36.46 21.41 -42.64
CA ILE B 114 35.04 21.09 -42.66
C ILE B 114 34.73 20.11 -43.79
N SER B 115 35.40 20.25 -44.93
CA SER B 115 35.19 19.33 -46.04
C SER B 115 35.54 17.90 -45.66
N ASN B 116 36.36 17.70 -44.64
CA ASN B 116 36.70 16.36 -44.17
C ASN B 116 35.62 15.75 -43.29
N ASN B 117 34.60 16.53 -42.91
CA ASN B 117 33.50 16.04 -42.10
C ASN B 117 32.33 15.65 -42.99
N LYS B 118 31.83 14.42 -42.80
CA LYS B 118 30.74 13.89 -43.60
C LYS B 118 29.47 13.69 -42.79
N ASP B 119 29.35 14.33 -41.63
CA ASP B 119 28.17 14.21 -40.79
C ASP B 119 27.18 15.29 -41.22
N GLN B 120 26.16 14.89 -42.00
CA GLN B 120 25.17 15.81 -42.52
C GLN B 120 23.74 15.33 -42.36
N GLY B 121 23.51 14.10 -41.89
CA GLY B 121 22.16 13.59 -41.74
C GLY B 121 21.64 12.94 -43.01
N GLY B 122 20.41 12.44 -42.90
CA GLY B 122 19.79 11.77 -44.03
C GLY B 122 18.27 11.78 -43.91
N TYR B 123 17.63 11.30 -44.96
CA TYR B 123 16.17 11.27 -44.99
C TYR B 123 15.61 10.36 -43.90
N GLU B 124 16.19 9.16 -43.74
CA GLU B 124 15.63 8.20 -42.80
C GLU B 124 15.66 8.74 -41.38
N ASP B 125 16.78 9.34 -40.97
CA ASP B 125 16.88 9.84 -39.61
C ASP B 125 15.89 10.97 -39.36
N PHE B 126 15.79 11.90 -40.31
CA PHE B 126 14.87 13.03 -40.13
C PHE B 126 13.42 12.56 -40.09
N VAL B 127 13.05 11.62 -40.97
CA VAL B 127 11.68 11.13 -40.98
C VAL B 127 11.38 10.39 -39.69
N GLU B 128 12.32 9.57 -39.20
CA GLU B 128 12.10 8.88 -37.94
C GLU B 128 11.94 9.87 -36.79
N GLY B 129 12.75 10.93 -36.78
CA GLY B 129 12.64 11.92 -35.73
C GLY B 129 11.33 12.69 -35.78
N LEU B 130 10.85 13.02 -36.97
CA LEU B 130 9.62 13.78 -37.12
C LEU B 130 8.37 12.92 -37.00
N ARG B 131 8.49 11.59 -37.11
CA ARG B 131 7.32 10.74 -37.00
C ARG B 131 6.81 10.64 -35.57
N VAL B 132 7.71 10.74 -34.58
CA VAL B 132 7.29 10.63 -33.19
C VAL B 132 6.30 11.72 -32.82
N PHE B 133 6.37 12.88 -33.48
CA PHE B 133 5.42 13.95 -33.26
C PHE B 133 4.10 13.73 -33.99
N ASP B 134 4.01 12.71 -34.83
CA ASP B 134 2.79 12.41 -35.58
C ASP B 134 1.92 11.51 -34.69
N LYS B 135 1.12 12.13 -33.83
CA LYS B 135 0.30 11.36 -32.91
C LYS B 135 -0.72 10.51 -33.65
N GLU B 136 -1.38 11.08 -34.66
CA GLU B 136 -2.37 10.34 -35.44
C GLU B 136 -1.74 9.47 -36.52
N GLY B 137 -0.46 9.71 -36.85
CA GLY B 137 0.25 8.80 -37.72
C GLY B 137 -0.17 8.79 -39.17
N ASN B 138 -0.75 9.89 -39.67
CA ASN B 138 -1.14 9.97 -41.08
C ASN B 138 -0.06 10.58 -41.96
N GLY B 139 1.08 10.94 -41.37
CA GLY B 139 2.14 11.62 -42.10
C GLY B 139 2.24 13.11 -41.87
N THR B 140 1.60 13.63 -40.82
CA THR B 140 1.59 15.06 -40.53
C THR B 140 1.97 15.31 -39.08
N VAL B 141 2.51 16.50 -38.83
CA VAL B 141 2.93 16.93 -37.51
C VAL B 141 2.28 18.26 -37.19
N MET B 142 1.87 18.44 -35.93
CA MET B 142 1.26 19.68 -35.51
C MET B 142 2.22 20.85 -35.66
N GLY B 143 1.75 21.93 -36.28
CA GLY B 143 2.59 23.10 -36.43
C GLY B 143 2.88 23.78 -35.10
N ALA B 144 1.86 23.93 -34.25
CA ALA B 144 2.07 24.58 -32.96
C ALA B 144 3.02 23.78 -32.08
N GLU B 145 2.84 22.46 -32.04
CA GLU B 145 3.74 21.63 -31.23
C GLU B 145 5.17 21.72 -31.75
N LEU B 146 5.34 21.71 -33.08
CA LEU B 146 6.67 21.87 -33.66
C LEU B 146 7.27 23.21 -33.26
N ARG B 147 6.47 24.28 -33.30
CA ARG B 147 6.97 25.59 -32.91
C ARG B 147 7.43 25.59 -31.46
N HIS B 148 6.60 25.03 -30.57
CA HIS B 148 6.95 25.03 -29.15
C HIS B 148 8.21 24.21 -28.88
N VAL B 149 8.33 23.03 -29.51
CA VAL B 149 9.51 22.21 -29.26
C VAL B 149 10.76 22.88 -29.84
N LEU B 150 10.63 23.53 -30.99
CA LEU B 150 11.77 24.26 -31.55
C LEU B 150 12.17 25.42 -30.63
N ALA B 151 11.19 26.10 -30.04
CA ALA B 151 11.49 27.22 -29.16
C ALA B 151 12.06 26.77 -27.82
N THR B 152 11.72 25.57 -27.36
CA THR B 152 12.16 25.07 -26.07
C THR B 152 13.21 23.99 -26.20
N LEU B 153 12.93 22.92 -26.94
CA LEU B 153 13.88 21.84 -27.12
C LEU B 153 14.89 22.18 -28.20
N GLY B 154 16.11 21.66 -28.03
CA GLY B 154 17.16 21.94 -28.99
C GLY B 154 17.60 23.39 -28.93
N GLU B 155 18.00 23.92 -30.07
CA GLU B 155 18.50 25.28 -30.19
C GLU B 155 17.39 26.15 -30.77
N LYS B 156 17.05 27.23 -30.06
CA LYS B 156 16.05 28.15 -30.56
C LYS B 156 16.57 28.92 -31.77
N MET B 157 15.67 29.17 -32.72
CA MET B 157 16.02 29.87 -33.95
C MET B 157 15.06 31.04 -34.14
N LYS B 158 15.51 32.03 -34.90
CA LYS B 158 14.68 33.21 -35.15
C LYS B 158 13.43 32.80 -35.93
N GLU B 159 12.32 33.46 -35.60
CA GLU B 159 11.02 33.02 -36.10
C GLU B 159 10.91 33.19 -37.62
N GLU B 160 11.49 34.25 -38.17
CA GLU B 160 11.27 34.56 -39.58
C GLU B 160 11.82 33.46 -40.49
N GLU B 161 13.03 32.97 -40.22
CA GLU B 161 13.62 31.98 -41.11
C GLU B 161 12.83 30.68 -41.10
N VAL B 162 12.44 30.21 -39.92
CA VAL B 162 11.66 28.97 -39.84
C VAL B 162 10.29 29.16 -40.45
N GLU B 163 9.67 30.33 -40.24
CA GLU B 163 8.37 30.59 -40.84
C GLU B 163 8.45 30.57 -42.36
N ALA B 164 9.50 31.17 -42.92
CA ALA B 164 9.69 31.10 -44.37
C ALA B 164 9.94 29.66 -44.82
N LEU B 165 10.70 28.90 -44.03
CA LEU B 165 10.98 27.52 -44.39
C LEU B 165 9.69 26.70 -44.45
N LEU B 166 8.80 26.89 -43.48
CA LEU B 166 7.52 26.19 -43.47
C LEU B 166 6.44 26.91 -44.27
N ALA B 167 6.77 28.06 -44.86
CA ALA B 167 5.80 28.81 -45.65
C ALA B 167 5.28 27.94 -46.79
N GLY B 168 3.99 27.61 -46.76
CA GLY B 168 3.39 26.74 -47.74
C GLY B 168 3.60 25.27 -47.50
N GLN B 169 4.32 24.90 -46.44
CA GLN B 169 4.56 23.49 -46.12
C GLN B 169 3.50 22.93 -45.19
N GLU B 170 2.57 23.73 -44.70
CA GLU B 170 1.52 23.29 -43.80
C GLU B 170 0.20 23.20 -44.54
N ASP B 171 -0.59 22.19 -44.20
CA ASP B 171 -1.87 21.95 -44.87
C ASP B 171 -2.92 22.91 -44.32
N SER B 172 -4.16 22.78 -44.81
CA SER B 172 -5.24 23.64 -44.37
C SER B 172 -5.63 23.39 -42.92
N ASN B 173 -5.21 22.28 -42.33
CA ASN B 173 -5.52 21.95 -40.95
C ASN B 173 -4.49 22.48 -39.97
N GLY B 174 -3.49 23.22 -40.44
CA GLY B 174 -2.42 23.69 -39.59
C GLY B 174 -1.31 22.69 -39.36
N CYS B 175 -1.38 21.52 -39.99
CA CYS B 175 -0.38 20.48 -39.85
C CYS B 175 0.59 20.54 -41.03
N ILE B 176 1.78 19.99 -40.81
CA ILE B 176 2.84 19.96 -41.81
C ILE B 176 3.12 18.51 -42.15
N ASN B 177 3.01 18.16 -43.43
CA ASN B 177 3.35 16.82 -43.90
C ASN B 177 4.86 16.68 -43.86
N TYR B 178 5.38 16.00 -42.83
CA TYR B 178 6.82 15.99 -42.59
C TYR B 178 7.59 15.35 -43.73
N GLU B 179 6.96 14.51 -44.55
CA GLU B 179 7.67 13.95 -45.70
C GLU B 179 7.98 15.05 -46.72
N ALA B 180 6.97 15.84 -47.09
CA ALA B 180 7.22 16.95 -48.00
C ALA B 180 8.13 18.00 -47.36
N PHE B 181 8.00 18.21 -46.05
CA PHE B 181 8.89 19.15 -45.38
C PHE B 181 10.34 18.69 -45.47
N VAL B 182 10.57 17.39 -45.26
CA VAL B 182 11.93 16.84 -45.38
C VAL B 182 12.44 17.01 -46.81
N LYS B 183 11.59 16.69 -47.80
CA LYS B 183 11.97 16.94 -49.18
C LYS B 183 12.37 18.39 -49.40
N HIS B 184 11.64 19.33 -48.80
CA HIS B 184 11.89 20.74 -49.03
C HIS B 184 13.17 21.22 -48.36
N ILE B 185 13.41 20.82 -47.11
CA ILE B 185 14.50 21.41 -46.34
C ILE B 185 15.86 20.98 -46.88
N MET B 186 16.00 19.69 -47.20
CA MET B 186 17.29 19.16 -47.62
C MET B 186 17.51 19.23 -49.13
N SER B 187 16.45 19.46 -49.92
CA SER B 187 16.65 19.59 -51.36
C SER B 187 17.41 20.87 -51.70
N VAL B 188 17.13 21.96 -50.99
CA VAL B 188 17.81 23.22 -51.23
C VAL B 188 19.22 23.18 -50.66
MG MG C . -12.51 0.29 11.99
PB ADP D . -10.22 1.71 11.94
O1B ADP D . -10.63 1.15 10.59
O2B ADP D . -8.85 1.31 12.40
O3B ADP D . -11.29 1.62 13.00
PA ADP D . -11.40 4.14 11.31
O1A ADP D . -11.90 3.73 9.94
O2A ADP D . -12.33 4.06 12.51
O3A ADP D . -10.09 3.28 11.64
O5' ADP D . -10.82 5.64 11.22
C5' ADP D . -11.70 6.76 11.34
C4' ADP D . -10.92 8.04 11.17
O4' ADP D . -10.24 8.05 9.91
C3' ADP D . -11.83 9.26 11.21
O3' ADP D . -11.53 10.07 12.36
C2' ADP D . -11.57 10.02 9.93
O2' ADP D . -11.21 11.38 10.19
C1' ADP D . -10.44 9.29 9.23
N9 ADP D . -10.78 9.05 7.81
C8 ADP D . -10.89 7.84 7.22
N7 ADP D . -11.21 7.98 5.91
C5 ADP D . -11.32 9.29 5.64
C6 ADP D . -11.64 10.13 4.46
N6 ADP D . -11.92 9.57 3.27
N1 ADP D . -11.64 11.46 4.63
C2 ADP D . -11.37 12.05 5.81
N3 ADP D . -11.06 11.34 6.92
C4 ADP D . -11.03 9.99 6.90
#